data_5LCB
#
_entry.id   5LCB
#
loop_
_entity.id
_entity.type
_entity.pdbx_description
1 polymer 'Bacteriochlorophyll c-binding protein'
2 non-polymer 'BACTERIOCHLOROPHYLL A'
#
_entity_poly.entity_id   1
_entity_poly.type   'polypeptide(L)'
_entity_poly.pdbx_seq_one_letter_code
;MSGGGVFTDILAAAGRIFEVMVEGHWETVGMLFDSLGKGTMRINRNAYGSMGGGSLRGS
;
_entity_poly.pdbx_strand_id   A,B,C,D,E,F,G,H,I,J,K,L,M,N
#
# COMPACT_ATOMS: atom_id res chain seq x y z
N MET A 1 -40.44 -2.81 37.60
CA MET A 1 -40.89 -2.36 36.27
C MET A 1 -40.88 -3.55 35.29
N SER A 2 -42.05 -4.15 35.11
CA SER A 2 -42.14 -5.33 34.24
C SER A 2 -42.06 -4.94 32.78
N GLY A 3 -41.22 -5.68 32.03
CA GLY A 3 -41.04 -5.42 30.60
C GLY A 3 -40.38 -4.05 30.40
N GLY A 4 -40.13 -3.67 29.15
CA GLY A 4 -39.53 -2.38 28.85
C GLY A 4 -38.03 -2.37 29.16
N GLY A 5 -37.45 -3.56 29.36
CA GLY A 5 -36.01 -3.67 29.66
C GLY A 5 -35.21 -3.83 28.38
N VAL A 6 -35.40 -2.90 27.44
CA VAL A 6 -34.71 -2.93 26.13
C VAL A 6 -33.36 -2.24 26.14
N PHE A 7 -33.02 -1.50 27.19
CA PHE A 7 -31.76 -0.76 27.16
C PHE A 7 -30.48 -1.61 27.28
N THR A 8 -30.39 -2.37 28.33
CA THR A 8 -29.20 -3.16 28.66
C THR A 8 -28.75 -4.02 27.47
N ASP A 9 -29.70 -4.63 26.79
CA ASP A 9 -29.42 -5.48 25.65
C ASP A 9 -28.75 -4.71 24.50
N ILE A 10 -28.96 -3.40 24.40
CA ILE A 10 -28.32 -2.67 23.31
C ILE A 10 -26.82 -2.76 23.44
N LEU A 11 -26.30 -2.59 24.64
CA LEU A 11 -24.85 -2.68 24.83
C LEU A 11 -24.36 -4.00 24.37
N ALA A 12 -25.10 -5.04 24.71
CA ALA A 12 -24.71 -6.35 24.29
C ALA A 12 -24.67 -6.36 22.77
N ALA A 13 -25.60 -5.60 22.19
CA ALA A 13 -25.71 -5.50 20.74
C ALA A 13 -24.62 -4.63 20.10
N ALA A 14 -24.37 -3.45 20.60
CA ALA A 14 -23.37 -2.58 19.99
C ALA A 14 -22.02 -3.27 19.95
N GLY A 15 -21.71 -3.99 21.02
CA GLY A 15 -20.45 -4.70 21.08
C GLY A 15 -20.46 -5.90 20.14
N ARG A 16 -21.54 -6.67 20.22
CA ARG A 16 -21.68 -7.89 19.42
C ARG A 16 -21.84 -7.57 17.91
N ILE A 17 -22.65 -6.58 17.57
CA ILE A 17 -22.91 -6.24 16.17
C ILE A 17 -21.65 -5.70 15.52
N PHE A 18 -20.97 -4.82 16.23
CA PHE A 18 -19.80 -4.20 15.63
C PHE A 18 -18.83 -5.28 15.22
N GLU A 19 -19.02 -6.45 15.80
CA GLU A 19 -18.18 -7.60 15.55
C GLU A 19 -18.32 -7.98 14.05
N VAL A 20 -19.51 -7.70 13.48
CA VAL A 20 -19.76 -7.98 12.05
C VAL A 20 -19.06 -6.99 11.09
N MET A 21 -19.23 -5.69 11.34
CA MET A 21 -18.68 -4.65 10.43
C MET A 21 -17.16 -4.70 10.38
N VAL A 22 -16.59 -4.85 11.54
CA VAL A 22 -15.15 -4.89 11.68
C VAL A 22 -14.52 -6.13 11.05
N GLU A 23 -15.17 -7.28 11.19
CA GLU A 23 -14.59 -8.53 10.67
C GLU A 23 -14.46 -8.51 9.14
N GLY A 24 -15.52 -8.07 8.48
CA GLY A 24 -15.59 -7.97 7.01
C GLY A 24 -14.69 -6.84 6.45
N HIS A 25 -14.51 -5.83 7.26
CA HIS A 25 -13.80 -4.58 6.90
C HIS A 25 -12.29 -4.75 6.50
N TRP A 26 -11.54 -5.63 7.15
CA TRP A 26 -10.10 -5.82 6.88
C TRP A 26 -9.69 -6.56 5.58
N GLU A 27 -10.49 -7.51 5.14
CA GLU A 27 -10.19 -8.37 3.98
C GLU A 27 -9.75 -7.61 2.71
N THR A 28 -10.25 -6.42 2.48
CA THR A 28 -9.94 -5.62 1.27
C THR A 28 -8.42 -5.40 1.02
N VAL A 29 -7.68 -5.13 2.07
CA VAL A 29 -6.23 -4.77 2.03
C VAL A 29 -5.24 -5.81 1.44
N GLY A 30 -5.40 -7.09 1.76
CA GLY A 30 -4.38 -8.08 1.39
C GLY A 30 -3.94 -8.05 -0.09
N MET A 31 -4.85 -7.97 -1.03
CA MET A 31 -4.49 -7.94 -2.45
C MET A 31 -3.74 -6.65 -2.87
N LEU A 32 -4.08 -5.54 -2.23
CA LEU A 32 -3.58 -4.23 -2.67
C LEU A 32 -2.07 -4.06 -2.84
N PHE A 33 -1.26 -4.27 -1.85
CA PHE A 33 0.18 -4.09 -2.04
C PHE A 33 0.80 -5.22 -2.89
N ASP A 34 0.38 -6.44 -2.58
CA ASP A 34 0.95 -7.66 -3.18
C ASP A 34 0.89 -7.83 -4.72
N SER A 35 -0.28 -7.66 -5.33
CA SER A 35 -0.43 -7.94 -6.77
C SER A 35 0.61 -7.23 -7.68
N LEU A 36 1.11 -6.11 -7.21
CA LEU A 36 2.05 -5.28 -7.99
C LEU A 36 3.42 -5.90 -8.32
N GLY A 37 3.95 -6.75 -7.52
CA GLY A 37 5.33 -7.17 -7.76
C GLY A 37 5.61 -7.64 -9.20
N LYS A 38 4.64 -8.19 -9.89
CA LYS A 38 4.88 -8.69 -11.26
C LYS A 38 5.20 -7.63 -12.35
N GLY A 39 4.54 -6.48 -12.29
CA GLY A 39 4.69 -5.44 -13.34
C GLY A 39 6.10 -4.83 -13.50
N THR A 40 6.85 -4.71 -12.42
CA THR A 40 8.19 -4.07 -12.47
C THR A 40 9.26 -4.94 -13.16
N MET A 41 9.03 -6.24 -13.20
CA MET A 41 10.02 -7.20 -13.72
C MET A 41 10.45 -7.08 -15.21
N ARG A 42 9.56 -6.82 -16.14
CA ARG A 42 9.97 -6.83 -17.57
C ARG A 42 11.00 -5.75 -17.93
N ILE A 43 10.84 -4.53 -17.43
CA ILE A 43 11.81 -3.47 -17.73
C ILE A 43 13.14 -3.87 -17.17
N ASN A 44 13.11 -4.40 -15.97
CA ASN A 44 14.29 -4.88 -15.31
C ASN A 44 14.98 -5.95 -16.16
N ARG A 45 14.21 -6.84 -16.79
CA ARG A 45 14.80 -7.93 -17.56
C ARG A 45 15.64 -7.51 -18.78
N ASN A 46 15.17 -6.55 -19.59
CA ASN A 46 15.93 -6.22 -20.82
C ASN A 46 17.21 -5.42 -20.64
N ALA A 47 17.08 -4.20 -20.14
CA ALA A 47 18.23 -3.31 -20.05
C ALA A 47 19.38 -3.90 -19.22
N TYR A 48 19.04 -4.66 -18.20
CA TYR A 48 19.99 -5.24 -17.20
C TYR A 48 20.43 -6.73 -17.38
N GLY A 49 20.58 -7.25 -18.56
CA GLY A 49 20.90 -8.68 -18.73
C GLY A 49 22.32 -9.17 -18.30
N SER A 50 23.31 -8.29 -18.02
CA SER A 50 24.67 -8.78 -17.64
C SER A 50 24.94 -8.58 -16.15
N MET A 51 25.15 -9.68 -15.43
CA MET A 51 25.46 -9.66 -13.99
C MET A 51 26.95 -9.51 -13.78
N GLY A 52 27.70 -10.10 -14.69
CA GLY A 52 29.14 -10.07 -14.61
C GLY A 52 29.62 -8.63 -14.52
N GLY A 53 30.08 -8.23 -13.33
CA GLY A 53 30.56 -6.89 -13.13
C GLY A 53 31.78 -6.61 -13.99
N GLY A 54 32.62 -7.62 -14.18
CA GLY A 54 33.83 -7.48 -14.98
C GLY A 54 34.98 -6.92 -14.15
N SER A 55 36.08 -6.57 -14.83
CA SER A 55 37.26 -6.04 -14.16
C SER A 55 37.04 -4.60 -13.70
N LEU A 56 37.86 -4.15 -12.75
CA LEU A 56 37.78 -2.79 -12.22
C LEU A 56 38.64 -1.85 -13.07
N ARG A 57 38.03 -0.76 -13.51
CA ARG A 57 38.72 0.23 -14.34
C ARG A 57 39.92 0.80 -13.57
N GLY A 58 41.06 0.92 -14.24
CA GLY A 58 42.26 1.47 -13.60
C GLY A 58 42.98 0.43 -12.75
N SER A 59 42.64 -0.84 -12.95
CA SER A 59 43.26 -1.92 -12.20
C SER A 59 42.94 -3.27 -12.82
N MET B 1 17.90 7.64 -51.54
CA MET B 1 16.42 7.55 -51.39
C MET B 1 15.89 8.88 -50.81
N SER B 2 15.64 9.86 -51.67
CA SER B 2 15.16 11.14 -51.18
C SER B 2 13.75 10.99 -50.61
N GLY B 3 13.52 11.59 -49.45
CA GLY B 3 12.21 11.51 -48.82
C GLY B 3 11.93 10.10 -48.30
N GLY B 4 10.83 9.95 -47.56
CA GLY B 4 10.44 8.63 -47.04
C GLY B 4 11.29 8.18 -45.86
N GLY B 5 12.02 9.10 -45.23
CA GLY B 5 12.87 8.76 -44.08
C GLY B 5 12.08 8.90 -42.78
N VAL B 6 10.92 8.24 -42.71
CA VAL B 6 10.05 8.31 -41.53
C VAL B 6 10.44 7.31 -40.44
N PHE B 7 11.28 6.30 -40.75
CA PHE B 7 11.74 5.40 -39.68
C PHE B 7 12.59 6.26 -38.76
N THR B 8 13.70 5.72 -38.25
CA THR B 8 14.67 6.47 -37.39
C THR B 8 13.99 7.38 -36.34
N ASP B 9 13.31 8.41 -36.81
CA ASP B 9 12.60 9.35 -35.98
C ASP B 9 11.58 8.64 -35.06
N ILE B 10 11.07 7.47 -35.45
CA ILE B 10 10.12 6.82 -34.54
C ILE B 10 10.82 6.46 -33.25
N LEU B 11 12.04 5.95 -33.38
CA LEU B 11 12.82 5.61 -32.20
C LEU B 11 13.00 6.85 -31.35
N ALA B 12 13.31 7.95 -31.99
CA ALA B 12 13.48 9.19 -31.26
C ALA B 12 12.20 9.47 -30.51
N ALA B 13 11.10 9.11 -31.15
CA ALA B 13 9.78 9.31 -30.57
C ALA B 13 9.52 8.31 -29.44
N ALA B 14 9.24 7.06 -29.78
CA ALA B 14 8.94 6.01 -28.77
C ALA B 14 9.69 6.21 -27.46
N GLY B 15 10.89 6.77 -27.54
CA GLY B 15 11.67 7.01 -26.34
C GLY B 15 11.19 8.29 -25.68
N ARG B 16 11.08 9.32 -26.50
CA ARG B 16 10.65 10.63 -26.06
C ARG B 16 9.19 10.62 -25.62
N ILE B 17 8.33 9.96 -26.39
CA ILE B 17 6.91 9.95 -26.08
C ILE B 17 6.69 9.25 -24.77
N PHE B 18 7.36 8.15 -24.57
CA PHE B 18 7.15 7.40 -23.36
C PHE B 18 7.43 8.26 -22.18
N GLU B 19 8.19 9.33 -22.35
CA GLU B 19 8.46 10.20 -21.22
C GLU B 19 7.15 10.78 -20.67
N VAL B 20 6.21 11.02 -21.56
CA VAL B 20 4.97 11.61 -21.12
C VAL B 20 4.12 10.64 -20.28
N MET B 21 3.94 9.40 -20.77
CA MET B 21 3.10 8.42 -20.08
C MET B 21 3.64 8.05 -18.71
N VAL B 22 4.93 7.80 -18.67
CA VAL B 22 5.59 7.40 -17.45
C VAL B 22 5.61 8.50 -16.39
N GLU B 23 5.81 9.74 -16.81
CA GLU B 23 5.91 10.86 -15.87
C GLU B 23 4.60 11.10 -15.09
N GLY B 24 3.47 11.03 -15.78
CA GLY B 24 2.16 11.28 -15.15
C GLY B 24 1.52 10.00 -14.63
N HIS B 25 2.31 8.96 -14.54
CA HIS B 25 1.85 7.63 -14.11
C HIS B 25 2.18 7.31 -12.62
N TRP B 26 3.10 8.07 -12.00
CA TRP B 26 3.52 7.81 -10.59
C TRP B 26 2.73 8.65 -9.54
N GLU B 27 2.36 9.87 -9.90
CA GLU B 27 1.68 10.83 -9.01
C GLU B 27 0.46 10.27 -8.25
N THR B 28 -0.16 9.26 -8.78
CA THR B 28 -1.36 8.69 -8.18
C THR B 28 -1.12 8.10 -6.76
N VAL B 29 0.00 7.44 -6.61
CA VAL B 29 0.35 6.71 -5.38
C VAL B 29 0.47 7.56 -4.10
N GLY B 30 1.16 8.70 -4.20
CA GLY B 30 1.43 9.57 -3.04
C GLY B 30 0.38 9.49 -1.91
N MET B 31 -0.86 9.85 -2.21
CA MET B 31 -1.93 9.90 -1.19
C MET B 31 -2.36 8.53 -0.61
N LEU B 32 -2.31 7.50 -1.42
CA LEU B 32 -2.79 6.17 -1.03
C LEU B 32 -2.41 5.75 0.39
N PHE B 33 -1.19 5.38 0.63
CA PHE B 33 -0.84 4.91 1.96
C PHE B 33 -1.01 5.98 3.07
N ASP B 34 -0.55 7.21 2.79
CA ASP B 34 -0.57 8.31 3.78
C ASP B 34 -1.94 8.60 4.45
N SER B 35 -2.87 9.14 3.66
CA SER B 35 -4.18 9.58 4.17
C SER B 35 -4.78 8.78 5.35
N LEU B 36 -4.54 7.50 5.42
CA LEU B 36 -5.14 6.66 6.46
C LEU B 36 -4.78 6.99 7.92
N GLY B 37 -3.53 7.25 8.19
CA GLY B 37 -3.04 7.44 9.56
C GLY B 37 -4.07 8.03 10.56
N LYS B 38 -4.89 8.97 10.12
CA LYS B 38 -5.83 9.64 11.04
C LYS B 38 -6.94 8.77 11.64
N GLY B 39 -7.50 7.86 10.86
CA GLY B 39 -8.65 7.03 11.29
C GLY B 39 -8.42 6.09 12.48
N THR B 40 -7.23 5.55 12.64
CA THR B 40 -6.99 4.59 13.73
C THR B 40 -6.85 5.27 15.10
N MET B 41 -6.69 6.58 15.09
CA MET B 41 -6.46 7.36 16.32
C MET B 41 -7.61 7.40 17.34
N ARG B 42 -8.85 7.53 16.92
CA ARG B 42 -9.92 7.69 17.90
C ARG B 42 -10.11 6.46 18.79
N ILE B 43 -10.06 5.25 18.24
CA ILE B 43 -10.24 4.06 19.07
C ILE B 43 -9.11 4.00 20.06
N ASN B 44 -7.93 4.29 19.57
CA ASN B 44 -6.76 4.29 20.39
C ASN B 44 -6.92 5.32 21.54
N ARG B 45 -7.55 6.47 21.28
CA ARG B 45 -7.71 7.49 22.34
C ARG B 45 -8.54 7.04 23.54
N ASN B 46 -9.69 6.39 23.33
CA ASN B 46 -10.56 6.03 24.48
C ASN B 46 -10.12 4.83 25.32
N ALA B 47 -10.20 3.62 24.77
CA ALA B 47 -9.90 2.42 25.57
C ALA B 47 -8.58 2.57 26.31
N TYR B 48 -7.59 3.13 25.65
CA TYR B 48 -6.27 3.34 26.30
C TYR B 48 -6.12 4.83 26.67
N GLY B 49 -6.04 5.14 27.96
CA GLY B 49 -5.90 6.54 28.42
C GLY B 49 -4.87 6.66 29.54
N SER B 50 -4.61 5.55 30.25
CA SER B 50 -3.63 5.54 31.36
C SER B 50 -2.28 4.98 30.93
N MET B 51 -1.30 5.86 30.79
CA MET B 51 0.05 5.46 30.44
C MET B 51 0.76 4.82 31.63
N GLY B 52 0.44 5.33 32.82
CA GLY B 52 1.06 4.84 34.06
C GLY B 52 0.93 3.32 34.15
N GLY B 53 2.03 2.62 33.95
CA GLY B 53 2.04 1.15 34.03
C GLY B 53 1.66 0.70 35.43
N GLY B 54 2.07 1.49 36.42
CA GLY B 54 1.78 1.16 37.82
C GLY B 54 2.83 0.20 38.37
N SER B 55 2.57 -0.30 39.57
CA SER B 55 3.50 -1.22 40.20
C SER B 55 3.44 -2.60 39.58
N LEU B 56 4.46 -3.40 39.84
CA LEU B 56 4.56 -4.77 39.32
C LEU B 56 3.86 -5.75 40.26
N ARG B 57 2.99 -6.59 39.69
CA ARG B 57 2.24 -7.59 40.48
C ARG B 57 3.20 -8.61 41.12
N GLY B 58 2.99 -8.88 42.41
CA GLY B 58 3.83 -9.84 43.15
C GLY B 58 5.15 -9.20 43.59
N SER B 59 5.24 -7.88 43.56
CA SER B 59 6.46 -7.17 43.96
C SER B 59 6.16 -5.69 44.22
N MET C 1 -35.93 25.79 40.25
CA MET C 1 -36.00 26.34 38.87
C MET C 1 -36.01 25.18 37.87
N SER C 2 -36.90 24.23 38.14
CA SER C 2 -37.02 23.09 37.26
C SER C 2 -37.21 23.55 35.84
N GLY C 3 -36.51 22.89 34.94
CA GLY C 3 -36.58 23.25 33.55
C GLY C 3 -35.80 24.53 33.27
N GLY C 4 -35.52 24.80 31.99
CA GLY C 4 -34.81 26.02 31.60
C GLY C 4 -33.30 25.98 31.88
N GLY C 5 -32.75 24.79 32.11
CA GLY C 5 -31.30 24.67 32.36
C GLY C 5 -30.55 24.44 31.05
N VAL C 6 -30.51 25.48 30.20
CA VAL C 6 -29.84 25.41 28.89
C VAL C 6 -28.47 26.11 28.88
N PHE C 7 -28.06 26.81 29.98
CA PHE C 7 -26.73 27.49 29.95
C PHE C 7 -25.63 26.43 30.03
N THR C 8 -25.04 26.15 31.20
CA THR C 8 -23.94 25.14 31.40
C THR C 8 -23.60 24.26 30.16
N ASP C 9 -24.59 23.67 29.54
CA ASP C 9 -24.38 22.80 28.36
C ASP C 9 -23.75 23.58 27.19
N ILE C 10 -23.96 24.91 27.08
CA ILE C 10 -23.34 25.65 25.98
C ILE C 10 -21.83 25.61 26.15
N LEU C 11 -21.38 25.82 27.40
CA LEU C 11 -19.96 25.76 27.67
C LEU C 11 -19.48 24.36 27.31
N ALA C 12 -20.29 23.34 27.64
CA ALA C 12 -19.91 21.99 27.28
C ALA C 12 -19.81 21.94 25.77
N ALA C 13 -20.75 22.64 25.13
CA ALA C 13 -20.71 22.81 23.70
C ALA C 13 -19.68 23.93 23.54
N ALA C 14 -19.63 24.67 22.47
CA ALA C 14 -18.63 25.78 22.33
C ALA C 14 -17.17 25.30 22.41
N GLY C 15 -16.87 24.33 23.28
CA GLY C 15 -15.53 23.78 23.40
C GLY C 15 -15.51 22.51 22.54
N ARG C 16 -16.56 21.68 22.72
CA ARG C 16 -16.72 20.43 21.96
C ARG C 16 -16.94 20.78 20.49
N ILE C 17 -17.79 21.78 20.22
CA ILE C 17 -18.06 22.13 18.83
C ILE C 17 -16.81 22.64 18.14
N PHE C 18 -16.06 23.45 18.84
CA PHE C 18 -14.87 24.02 18.24
C PHE C 18 -13.91 22.94 17.76
N GLU C 19 -14.06 21.71 18.26
CA GLU C 19 -13.19 20.60 17.83
C GLU C 19 -13.40 20.27 16.36
N VAL C 20 -14.65 20.37 15.92
CA VAL C 20 -14.96 20.04 14.55
C VAL C 20 -14.31 21.03 13.59
N MET C 21 -14.47 22.33 13.88
CA MET C 21 -13.93 23.36 13.00
C MET C 21 -12.40 23.38 12.94
N VAL C 22 -11.77 23.30 14.11
CA VAL C 22 -10.31 23.35 14.19
C VAL C 22 -9.69 22.09 13.56
N GLU C 23 -10.34 20.93 13.75
CA GLU C 23 -9.83 19.65 13.22
C GLU C 23 -9.72 19.68 11.68
N GLY C 24 -10.75 20.17 11.01
CA GLY C 24 -10.78 20.23 9.54
C GLY C 24 -10.25 21.57 9.01
N HIS C 25 -9.44 22.28 9.82
CA HIS C 25 -8.89 23.60 9.45
C HIS C 25 -7.38 23.56 9.13
N TRP C 26 -6.73 22.43 9.41
CA TRP C 26 -5.28 22.26 9.18
C TRP C 26 -4.93 21.50 7.87
N GLU C 27 -5.73 20.50 7.51
CA GLU C 27 -5.48 19.63 6.32
C GLU C 27 -5.18 20.40 5.02
N THR C 28 -5.64 21.64 4.93
CA THR C 28 -5.44 22.44 3.72
C THR C 28 -3.94 22.71 3.40
N VAL C 29 -3.18 23.02 4.43
CA VAL C 29 -1.77 23.41 4.29
C VAL C 29 -0.84 22.35 3.66
N GLY C 30 -0.97 21.11 4.11
CA GLY C 30 -0.11 20.00 3.66
C GLY C 30 0.56 20.17 2.26
N MET C 31 -0.24 20.14 1.20
CA MET C 31 0.30 20.22 -0.19
C MET C 31 0.97 21.56 -0.55
N LEU C 32 0.44 22.66 -0.04
CA LEU C 32 0.94 24.01 -0.41
C LEU C 32 2.45 24.03 -0.67
N PHE C 33 3.26 24.02 0.35
CA PHE C 33 4.69 24.11 0.11
C PHE C 33 5.27 22.95 -0.73
N ASP C 34 4.91 21.72 -0.38
CA ASP C 34 5.43 20.50 -1.06
C ASP C 34 5.40 20.54 -2.62
N SER C 35 4.21 20.40 -3.19
CA SER C 35 3.99 20.30 -4.67
C SER C 35 5.00 21.01 -5.57
N LEU C 36 5.49 22.13 -5.13
CA LEU C 36 6.40 22.94 -5.96
C LEU C 36 7.73 22.26 -6.32
N GLY C 37 8.34 21.58 -5.36
CA GLY C 37 9.65 20.96 -5.55
C GLY C 37 9.99 20.52 -7.00
N LYS C 38 9.05 19.90 -7.69
CA LYS C 38 9.32 19.33 -9.03
C LYS C 38 9.67 20.38 -10.13
N GLY C 39 8.96 21.51 -10.15
CA GLY C 39 9.08 22.54 -11.22
C GLY C 39 10.47 23.16 -11.45
N THR C 40 11.20 23.45 -10.40
CA THR C 40 12.50 24.13 -10.57
C THR C 40 13.58 23.22 -11.16
N MET C 41 13.32 21.91 -11.16
CA MET C 41 14.29 20.90 -11.61
C MET C 41 14.71 20.97 -13.08
N ARG C 42 13.79 21.24 -14.00
CA ARG C 42 14.15 21.22 -15.42
C ARG C 42 15.20 22.28 -15.79
N ILE C 43 15.10 23.51 -15.27
CA ILE C 43 16.10 24.52 -15.61
C ILE C 43 17.44 24.06 -15.10
N ASN C 44 17.43 23.55 -13.88
CA ASN C 44 18.65 23.09 -13.27
C ASN C 44 19.26 21.90 -14.05
N ARG C 45 18.46 21.11 -14.78
CA ARG C 45 19.05 19.99 -15.51
C ARG C 45 19.91 20.43 -16.70
N ASN C 46 19.40 21.40 -17.47
CA ASN C 46 20.09 21.79 -18.70
C ASN C 46 21.34 22.65 -18.51
N ALA C 47 21.15 23.94 -18.24
CA ALA C 47 22.30 24.86 -18.14
C ALA C 47 23.43 24.22 -17.36
N TYR C 48 23.10 23.59 -16.23
CA TYR C 48 24.12 22.92 -15.41
C TYR C 48 24.12 21.44 -15.78
N GLY C 49 25.30 20.89 -16.03
CA GLY C 49 25.41 19.48 -16.42
C GLY C 49 26.75 18.89 -16.02
N SER C 50 27.77 19.77 -15.89
CA SER C 50 29.12 19.33 -15.52
C SER C 50 29.46 19.61 -14.05
N MET C 51 29.30 18.58 -13.23
CA MET C 51 29.64 18.68 -11.80
C MET C 51 31.15 18.88 -11.67
N GLY C 52 31.92 18.21 -12.54
CA GLY C 52 33.38 18.30 -12.53
C GLY C 52 33.85 19.75 -12.42
N GLY C 53 34.36 20.12 -11.26
CA GLY C 53 34.87 21.47 -11.03
C GLY C 53 36.08 21.78 -11.91
N GLY C 54 36.88 20.75 -12.17
CA GLY C 54 38.08 20.92 -12.99
C GLY C 54 39.26 21.42 -12.16
N SER C 55 40.36 21.73 -12.82
CA SER C 55 41.56 22.22 -12.15
C SER C 55 41.37 23.66 -11.68
N LEU C 56 42.22 24.10 -10.76
CA LEU C 56 42.17 25.46 -10.21
C LEU C 56 42.96 26.44 -11.07
N ARG C 57 42.34 27.58 -11.36
CA ARG C 57 42.98 28.59 -12.18
C ARG C 57 44.17 29.20 -11.45
N GLY C 58 45.31 29.30 -12.15
CA GLY C 58 46.52 29.86 -11.57
C GLY C 58 47.29 28.82 -10.77
N SER C 59 46.94 27.55 -10.97
CA SER C 59 47.61 26.48 -10.25
C SER C 59 47.31 25.14 -10.90
N MET D 1 15.01 -22.72 -54.17
CA MET D 1 14.11 -23.12 -53.06
C MET D 1 13.53 -21.84 -52.43
N SER D 2 13.80 -20.70 -53.07
CA SER D 2 13.29 -19.42 -52.59
C SER D 2 11.81 -19.53 -52.26
N GLY D 3 11.42 -18.90 -51.15
CA GLY D 3 10.03 -18.94 -50.69
C GLY D 3 9.74 -20.34 -50.11
N GLY D 4 8.66 -20.45 -49.35
CA GLY D 4 8.28 -21.74 -48.78
C GLY D 4 9.10 -22.14 -47.55
N GLY D 5 9.82 -21.18 -46.95
CA GLY D 5 10.62 -21.48 -45.75
C GLY D 5 9.79 -21.28 -44.49
N VAL D 6 8.88 -22.24 -44.22
CA VAL D 6 7.98 -22.17 -43.05
C VAL D 6 8.29 -23.24 -41.98
N PHE D 7 9.33 -24.05 -42.17
CA PHE D 7 9.67 -25.09 -41.16
C PHE D 7 10.42 -24.48 -39.98
N THR D 8 11.75 -24.30 -40.11
CA THR D 8 12.60 -23.75 -39.04
C THR D 8 11.85 -22.84 -38.05
N ASP D 9 10.96 -22.02 -38.56
CA ASP D 9 10.20 -21.11 -37.71
C ASP D 9 9.27 -21.82 -36.71
N ILE D 10 8.73 -22.98 -37.06
CA ILE D 10 7.82 -23.67 -36.16
C ILE D 10 8.56 -24.04 -34.88
N LEU D 11 9.78 -24.54 -35.03
CA LEU D 11 10.57 -24.90 -33.86
C LEU D 11 10.76 -23.66 -33.00
N ALA D 12 11.02 -22.53 -33.63
CA ALA D 12 11.15 -21.28 -32.89
C ALA D 12 9.81 -21.00 -32.21
N ALA D 13 8.71 -21.36 -32.91
CA ALA D 13 7.34 -21.12 -32.42
C ALA D 13 6.74 -22.27 -31.59
N ALA D 14 7.39 -23.40 -31.46
CA ALA D 14 6.83 -24.51 -30.65
C ALA D 14 7.40 -24.40 -29.25
N GLY D 15 8.42 -23.57 -29.13
CA GLY D 15 9.10 -23.30 -27.87
C GLY D 15 8.60 -21.99 -27.28
N ARG D 16 8.59 -20.96 -28.12
CA ARG D 16 8.15 -19.63 -27.70
C ARG D 16 6.67 -19.65 -27.29
N ILE D 17 5.84 -20.32 -28.08
CA ILE D 17 4.41 -20.35 -27.79
C ILE D 17 4.16 -21.05 -26.46
N PHE D 18 4.85 -22.14 -26.25
CA PHE D 18 4.67 -22.90 -25.03
C PHE D 18 4.91 -22.03 -23.79
N GLU D 19 5.60 -20.89 -23.96
CA GLU D 19 5.87 -19.98 -22.83
C GLU D 19 4.57 -19.35 -22.30
N VAL D 20 3.65 -19.04 -23.21
CA VAL D 20 2.39 -18.40 -22.82
C VAL D 20 1.50 -19.33 -21.97
N MET D 21 1.32 -20.55 -22.45
CA MET D 21 0.48 -21.54 -21.75
C MET D 21 1.06 -21.94 -20.40
N VAL D 22 2.36 -22.18 -20.37
CA VAL D 22 3.00 -22.62 -19.14
C VAL D 22 3.04 -21.53 -18.09
N GLU D 23 3.17 -20.29 -18.53
CA GLU D 23 3.25 -19.16 -17.61
C GLU D 23 1.94 -18.96 -16.82
N GLY D 24 0.80 -19.12 -17.50
CA GLY D 24 -0.52 -18.95 -16.87
C GLY D 24 -1.12 -20.29 -16.40
N HIS D 25 -0.26 -21.29 -16.22
CA HIS D 25 -0.66 -22.65 -15.81
C HIS D 25 -0.36 -22.89 -14.32
N TRP D 26 0.33 -21.95 -13.67
CA TRP D 26 0.72 -22.09 -12.24
C TRP D 26 -0.11 -21.23 -11.27
N GLU D 27 -0.51 -20.03 -11.69
CA GLU D 27 -1.26 -19.09 -10.81
C GLU D 27 -2.49 -19.73 -10.11
N THR D 28 -3.06 -20.76 -10.69
CA THR D 28 -4.25 -21.41 -10.14
C THR D 28 -4.02 -22.00 -8.73
N VAL D 29 -2.89 -22.66 -8.56
CA VAL D 29 -2.58 -23.39 -7.32
C VAL D 29 -2.48 -22.52 -6.03
N GLY D 30 -1.79 -21.40 -6.13
CA GLY D 30 -1.56 -20.50 -4.98
C GLY D 30 -2.56 -20.61 -3.82
N MET D 31 -3.79 -20.17 -4.05
CA MET D 31 -4.80 -20.16 -2.98
C MET D 31 -5.23 -21.56 -2.48
N LEU D 32 -5.32 -22.52 -3.38
CA LEU D 32 -5.78 -23.87 -3.03
C LEU D 32 -5.48 -24.28 -1.60
N PHE D 33 -4.26 -24.65 -1.31
CA PHE D 33 -3.93 -25.09 0.04
C PHE D 33 -4.17 -23.98 1.11
N ASP D 34 -3.70 -22.77 0.83
CA ASP D 34 -3.79 -21.64 1.79
C ASP D 34 -5.19 -21.38 2.42
N SER D 35 -6.05 -20.67 1.68
CA SER D 35 -7.41 -20.25 2.15
C SER D 35 -8.02 -21.08 3.30
N LEU D 36 -7.79 -22.37 3.32
CA LEU D 36 -8.39 -23.26 4.33
C LEU D 36 -8.00 -22.92 5.78
N GLY D 37 -6.75 -22.62 5.99
CA GLY D 37 -6.21 -22.35 7.31
C GLY D 37 -7.24 -21.78 8.35
N LYS D 38 -8.06 -20.81 7.94
CA LYS D 38 -8.99 -20.14 8.88
C LYS D 38 -10.11 -21.04 9.48
N GLY D 39 -10.70 -21.91 8.66
CA GLY D 39 -11.87 -22.74 9.04
C GLY D 39 -11.72 -23.64 10.28
N THR D 40 -10.57 -24.27 10.43
CA THR D 40 -10.37 -25.22 11.54
C THR D 40 -10.26 -24.54 12.92
N MET D 41 -10.04 -23.24 12.93
CA MET D 41 -9.80 -22.50 14.19
C MET D 41 -10.97 -22.44 15.20
N ARG D 42 -12.20 -22.29 14.73
CA ARG D 42 -13.32 -22.15 15.69
C ARG D 42 -13.51 -23.38 16.58
N ILE D 43 -13.42 -24.57 16.02
CA ILE D 43 -13.60 -25.77 16.84
C ILE D 43 -12.51 -25.76 17.92
N ASN D 44 -11.31 -25.43 17.49
CA ASN D 44 -10.17 -25.40 18.38
C ASN D 44 -10.32 -24.31 19.48
N ARG D 45 -11.05 -23.22 19.23
CA ARG D 45 -11.21 -22.16 20.26
C ARG D 45 -12.11 -22.62 21.41
N ASN D 46 -13.17 -23.34 21.10
CA ASN D 46 -14.16 -23.68 22.15
C ASN D 46 -13.75 -24.85 23.05
N ALA D 47 -13.82 -26.07 22.52
CA ALA D 47 -13.54 -27.24 23.35
C ALA D 47 -12.24 -27.06 24.13
N TYR D 48 -11.23 -26.51 23.48
CA TYR D 48 -9.94 -26.27 24.14
C TYR D 48 -9.90 -24.81 24.59
N GLY D 49 -9.45 -24.57 25.81
CA GLY D 49 -9.40 -23.22 26.36
C GLY D 49 -8.38 -23.09 27.48
N SER D 50 -8.09 -24.20 28.15
CA SER D 50 -7.15 -24.19 29.29
C SER D 50 -5.78 -24.77 28.90
N MET D 51 -4.85 -23.87 28.54
CA MET D 51 -3.49 -24.26 28.21
C MET D 51 -2.84 -24.87 29.45
N GLY D 52 -3.14 -24.29 30.61
CA GLY D 52 -2.59 -24.77 31.89
C GLY D 52 -2.63 -26.29 31.99
N GLY D 53 -1.46 -26.92 31.88
CA GLY D 53 -1.36 -28.38 31.98
C GLY D 53 -1.77 -28.85 33.38
N GLY D 54 -1.46 -28.03 34.39
CA GLY D 54 -1.78 -28.35 35.77
C GLY D 54 -0.74 -29.28 36.39
N SER D 55 -1.02 -29.74 37.59
CA SER D 55 -0.09 -30.62 38.30
C SER D 55 -0.12 -32.03 37.73
N LEU D 56 0.92 -32.82 38.06
CA LEU D 56 1.02 -34.20 37.58
C LEU D 56 0.31 -35.17 38.51
N ARG D 57 -0.52 -36.03 37.93
CA ARG D 57 -1.27 -36.99 38.70
C ARG D 57 -0.35 -38.02 39.34
N GLY D 58 -0.57 -38.30 40.62
CA GLY D 58 0.26 -39.25 41.35
C GLY D 58 1.55 -38.60 41.83
N SER D 59 1.58 -37.27 41.80
CA SER D 59 2.77 -36.54 42.25
C SER D 59 2.44 -35.07 42.46
N MET E 1 -62.10 -3.84 72.63
CA MET E 1 -61.12 -3.56 71.54
C MET E 1 -61.12 -4.74 70.54
N SER E 2 -61.88 -5.80 70.85
CA SER E 2 -61.93 -6.96 69.96
C SER E 2 -62.20 -6.52 68.54
N GLY E 3 -61.49 -7.13 67.60
CA GLY E 3 -61.63 -6.80 66.19
C GLY E 3 -60.93 -5.47 65.91
N GLY E 4 -60.72 -5.17 64.64
CA GLY E 4 -60.08 -3.91 64.26
C GLY E 4 -58.57 -3.95 64.48
N GLY E 5 -57.99 -5.16 64.68
CA GLY E 5 -56.55 -5.29 64.89
C GLY E 5 -55.83 -5.50 63.56
N VAL E 6 -55.69 -4.41 62.79
CA VAL E 6 -55.04 -4.44 61.46
C VAL E 6 -53.72 -3.68 61.41
N PHE E 7 -53.26 -3.12 62.54
CA PHE E 7 -52.00 -2.38 62.54
C PHE E 7 -50.80 -3.36 62.57
N THR E 8 -50.42 -3.82 63.78
CA THR E 8 -49.30 -4.74 63.99
C THR E 8 -48.93 -5.56 62.76
N ASP E 9 -49.93 -6.07 62.05
CA ASP E 9 -49.66 -6.88 60.86
C ASP E 9 -48.94 -6.12 59.75
N ILE E 10 -49.28 -4.87 59.53
CA ILE E 10 -48.66 -4.08 58.47
C ILE E 10 -47.16 -4.10 58.61
N LEU E 11 -46.66 -3.96 59.81
CA LEU E 11 -45.22 -4.03 60.01
C LEU E 11 -44.68 -5.40 59.58
N ALA E 12 -45.40 -6.47 59.91
CA ALA E 12 -44.98 -7.81 59.50
C ALA E 12 -44.97 -7.85 57.97
N ALA E 13 -45.96 -7.18 57.38
CA ALA E 13 -46.10 -7.11 55.92
C ALA E 13 -45.08 -6.17 55.23
N ALA E 14 -44.83 -4.99 55.81
CA ALA E 14 -43.91 -4.03 55.20
C ALA E 14 -42.51 -4.61 55.12
N GLY E 15 -42.26 -5.58 55.97
CA GLY E 15 -40.97 -6.25 56.00
C GLY E 15 -40.98 -7.45 55.07
N ARG E 16 -42.06 -8.23 55.15
CA ARG E 16 -42.20 -9.44 54.33
C ARG E 16 -42.42 -9.10 52.84
N ILE E 17 -43.25 -8.09 52.57
CA ILE E 17 -43.56 -7.69 51.19
C ILE E 17 -42.32 -7.20 50.46
N PHE E 18 -41.54 -6.39 51.15
CA PHE E 18 -40.34 -5.82 50.58
C PHE E 18 -39.38 -6.90 50.11
N GLU E 19 -39.55 -8.11 50.62
CA GLU E 19 -38.68 -9.22 50.21
C GLU E 19 -38.88 -9.54 48.73
N VAL E 20 -40.13 -9.45 48.27
CA VAL E 20 -40.44 -9.77 46.89
C VAL E 20 -39.81 -8.76 45.91
N MET E 21 -39.99 -7.47 46.19
CA MET E 21 -39.45 -6.41 45.31
C MET E 21 -37.92 -6.41 45.26
N VAL E 22 -37.28 -6.55 46.41
CA VAL E 22 -35.84 -6.51 46.49
C VAL E 22 -35.19 -7.74 45.86
N GLU E 23 -35.87 -8.87 45.91
CA GLU E 23 -35.32 -10.13 45.38
C GLU E 23 -35.18 -10.11 43.84
N GLY E 24 -36.19 -9.57 43.14
CA GLY E 24 -36.16 -9.53 41.66
C GLY E 24 -35.63 -8.18 41.16
N HIS E 25 -34.97 -7.46 42.06
CA HIS E 25 -34.41 -6.12 41.77
C HIS E 25 -32.90 -6.20 41.42
N TRP E 26 -32.32 -7.41 41.50
CA TRP E 26 -30.87 -7.59 41.23
C TRP E 26 -30.58 -8.31 39.91
N GLU E 27 -31.39 -9.30 39.59
CA GLU E 27 -31.19 -10.11 38.38
C GLU E 27 -30.88 -9.30 37.11
N THR E 28 -31.39 -8.08 37.01
CA THR E 28 -31.18 -7.27 35.81
C THR E 28 -29.70 -6.94 35.52
N VAL E 29 -28.95 -6.59 36.55
CA VAL E 29 -27.54 -6.15 36.41
C VAL E 29 -26.60 -7.20 35.78
N GLY E 30 -26.69 -8.44 36.25
CA GLY E 30 -25.80 -9.53 35.79
C GLY E 30 -25.18 -9.35 34.38
N MET E 31 -26.00 -9.46 33.34
CA MET E 31 -25.48 -9.39 31.97
C MET E 31 -24.89 -8.02 31.56
N LEU E 32 -25.48 -6.91 32.03
CA LEU E 32 -25.04 -5.55 31.67
C LEU E 32 -23.53 -5.48 31.37
N PHE E 33 -22.70 -5.52 32.39
CA PHE E 33 -21.26 -5.42 32.16
C PHE E 33 -20.67 -6.59 31.32
N ASP E 34 -21.04 -7.82 31.65
CA ASP E 34 -20.45 -9.01 31.01
C ASP E 34 -20.60 -9.14 29.47
N SER E 35 -21.81 -9.06 28.94
CA SER E 35 -22.04 -9.30 27.50
C SER E 35 -21.04 -8.61 26.57
N LEU E 36 -20.71 -7.37 26.84
CA LEU E 36 -19.79 -6.60 25.97
C LEU E 36 -18.49 -7.34 25.60
N GLY E 37 -17.76 -7.81 26.59
CA GLY E 37 -16.46 -8.49 26.42
C GLY E 37 -16.08 -8.89 24.97
N LYS E 38 -17.00 -9.55 24.26
CA LYS E 38 -16.71 -10.08 22.91
C LYS E 38 -16.40 -9.02 21.81
N GLY E 39 -17.17 -7.93 21.80
CA GLY E 39 -17.07 -6.91 20.73
C GLY E 39 -15.69 -6.26 20.52
N THR E 40 -14.89 -6.14 21.56
CA THR E 40 -13.59 -5.46 21.44
C THR E 40 -12.47 -6.36 20.83
N MET E 41 -12.71 -7.66 20.79
CA MET E 41 -11.72 -8.66 20.31
C MET E 41 -11.34 -8.53 18.80
N ARG E 42 -12.27 -8.23 17.91
CA ARG E 42 -11.95 -8.20 16.47
C ARG E 42 -10.94 -7.11 16.08
N ILE E 43 -10.98 -5.95 16.72
CA ILE E 43 -10.03 -4.90 16.35
C ILE E 43 -8.65 -5.31 16.82
N ASN E 44 -8.67 -6.07 17.89
CA ASN E 44 -7.46 -6.57 18.52
C ASN E 44 -6.81 -7.71 17.70
N ARG E 45 -7.63 -8.47 16.98
CA ARG E 45 -7.09 -9.61 16.21
C ARG E 45 -6.44 -9.18 14.90
N ASN E 46 -6.72 -7.97 14.42
CA ASN E 46 -6.16 -7.54 13.14
C ASN E 46 -4.88 -6.70 13.32
N ALA E 47 -5.07 -5.38 13.49
CA ALA E 47 -3.93 -4.46 13.63
C ALA E 47 -2.79 -5.08 14.42
N TYR E 48 -3.14 -5.89 15.43
CA TYR E 48 -2.12 -6.56 16.24
C TYR E 48 -2.07 -8.03 15.84
N GLY E 49 -0.86 -8.60 15.75
CA GLY E 49 -0.72 -10.00 15.33
C GLY E 49 0.67 -10.57 15.66
N SER E 50 1.67 -9.69 15.76
CA SER E 50 3.05 -10.12 16.05
C SER E 50 3.45 -9.88 17.51
N MET E 51 3.26 -10.92 18.33
CA MET E 51 3.62 -10.84 19.74
C MET E 51 5.13 -10.64 19.89
N GLY E 52 5.90 -11.33 19.06
CA GLY E 52 7.34 -11.24 19.12
C GLY E 52 7.79 -9.79 19.25
N GLY E 53 8.32 -9.45 20.42
CA GLY E 53 8.81 -8.10 20.66
C GLY E 53 10.01 -7.79 19.75
N GLY E 54 10.82 -8.82 19.47
CA GLY E 54 12.00 -8.65 18.61
C GLY E 54 13.22 -8.16 19.38
N SER E 55 14.30 -7.88 18.65
CA SER E 55 15.53 -7.39 19.27
C SER E 55 15.38 -5.95 19.74
N LEU E 56 16.23 -5.54 20.68
CA LEU E 56 16.19 -4.18 21.23
C LEU E 56 16.97 -3.21 20.33
N ARG E 57 16.35 -2.09 20.01
CA ARG E 57 16.98 -1.09 19.16
C ARG E 57 18.16 -0.44 19.84
N GLY E 58 19.24 -0.31 19.09
CA GLY E 58 20.45 0.28 19.61
C GLY E 58 21.24 -0.74 20.44
N SER E 59 20.91 -2.03 20.27
CA SER E 59 21.61 -3.08 21.00
C SER E 59 21.30 -4.45 20.38
N MET F 1 -8.42 -23.11 -20.97
CA MET F 1 -8.96 -23.42 -19.62
C MET F 1 -9.49 -22.13 -18.98
N SER F 2 -9.32 -21.01 -19.67
CA SER F 2 -9.78 -19.74 -19.12
C SER F 2 -11.25 -19.85 -18.72
N GLY F 3 -11.55 -19.33 -17.53
CA GLY F 3 -12.91 -19.37 -17.01
C GLY F 3 -13.27 -20.77 -16.51
N GLY F 4 -14.36 -20.88 -15.77
CA GLY F 4 -14.81 -22.19 -15.25
C GLY F 4 -14.00 -22.61 -14.02
N GLY F 5 -13.24 -21.67 -13.44
CA GLY F 5 -12.43 -21.97 -12.25
C GLY F 5 -13.27 -21.75 -10.99
N VAL F 6 -14.23 -22.68 -10.75
CA VAL F 6 -15.13 -22.60 -9.56
C VAL F 6 -14.84 -23.70 -8.54
N PHE F 7 -13.96 -24.63 -8.86
CA PHE F 7 -13.58 -25.62 -7.84
C PHE F 7 -12.73 -24.81 -6.88
N THR F 8 -11.45 -25.18 -6.65
CA THR F 8 -10.47 -24.46 -5.78
C THR F 8 -11.09 -23.53 -4.72
N ASP F 9 -11.90 -22.55 -5.13
CA ASP F 9 -12.60 -21.71 -4.18
C ASP F 9 -13.33 -22.64 -3.20
N ILE F 10 -14.57 -23.10 -3.49
CA ILE F 10 -15.34 -24.04 -2.61
C ILE F 10 -14.59 -24.44 -1.32
N LEU F 11 -13.47 -25.15 -1.45
CA LEU F 11 -12.65 -25.54 -0.28
C LEU F 11 -12.41 -24.34 0.63
N ALA F 12 -12.08 -23.22 0.04
CA ALA F 12 -11.89 -22.00 0.79
C ALA F 12 -13.20 -21.68 1.49
N ALA F 13 -14.31 -21.90 0.78
CA ALA F 13 -15.65 -21.64 1.31
C ALA F 13 -16.06 -22.68 2.37
N ALA F 14 -15.88 -23.96 2.10
CA ALA F 14 -16.26 -24.95 3.09
C ALA F 14 -15.56 -24.66 4.40
N GLY F 15 -14.33 -24.18 4.30
CA GLY F 15 -13.56 -23.82 5.47
C GLY F 15 -14.08 -22.53 6.11
N ARG F 16 -14.27 -21.51 5.26
CA ARG F 16 -14.72 -20.19 5.72
C ARG F 16 -16.19 -20.18 6.20
N ILE F 17 -17.05 -20.82 5.42
CA ILE F 17 -18.50 -20.87 5.70
C ILE F 17 -18.76 -21.58 7.03
N PHE F 18 -18.04 -22.69 7.21
CA PHE F 18 -18.21 -23.48 8.42
C PHE F 18 -17.93 -22.67 9.66
N GLU F 19 -17.23 -21.54 9.50
CA GLU F 19 -16.90 -20.70 10.65
C GLU F 19 -18.18 -20.09 11.22
N VAL F 20 -19.10 -19.73 10.34
CA VAL F 20 -20.35 -19.11 10.77
C VAL F 20 -21.22 -20.08 11.59
N MET F 21 -21.41 -21.30 11.09
CA MET F 21 -22.25 -22.30 11.77
C MET F 21 -21.68 -22.75 13.13
N VAL F 22 -20.40 -23.03 13.16
CA VAL F 22 -19.74 -23.51 14.38
C VAL F 22 -19.65 -22.41 15.45
N GLU F 23 -19.62 -21.14 15.02
CA GLU F 23 -19.48 -20.01 15.96
C GLU F 23 -20.75 -19.77 16.82
N GLY F 24 -21.93 -19.86 16.20
CA GLY F 24 -23.20 -19.64 16.91
C GLY F 24 -23.80 -20.96 17.39
N HIS F 25 -22.98 -21.99 17.28
CA HIS F 25 -23.37 -23.35 17.67
C HIS F 25 -23.10 -23.61 19.17
N TRP F 26 -22.43 -22.68 19.83
CA TRP F 26 -22.05 -22.84 21.25
C TRP F 26 -22.95 -22.06 22.21
N GLU F 27 -22.99 -20.75 22.06
CA GLU F 27 -23.80 -19.82 22.88
C GLU F 27 -25.01 -20.47 23.59
N THR F 28 -25.65 -21.43 22.96
CA THR F 28 -26.84 -22.09 23.52
C THR F 28 -26.59 -22.80 24.88
N VAL F 29 -25.49 -23.55 25.00
CA VAL F 29 -25.19 -24.37 26.21
C VAL F 29 -25.05 -23.54 27.51
N GLY F 30 -24.33 -22.43 27.44
CA GLY F 30 -24.06 -21.59 28.62
C GLY F 30 -25.09 -21.67 29.77
N MET F 31 -26.27 -21.14 29.55
CA MET F 31 -27.30 -21.08 30.60
C MET F 31 -27.86 -22.45 31.04
N LEU F 32 -27.91 -23.41 30.13
CA LEU F 32 -28.49 -24.73 30.44
C LEU F 32 -28.17 -25.20 31.87
N PHE F 33 -26.92 -25.50 32.17
CA PHE F 33 -26.56 -25.98 33.52
C PHE F 33 -26.72 -24.90 34.64
N ASP F 34 -26.24 -23.68 34.33
CA ASP F 34 -26.20 -22.56 35.31
C ASP F 34 -27.56 -22.09 35.89
N SER F 35 -28.58 -21.94 35.05
CA SER F 35 -29.86 -21.35 35.53
C SER F 35 -30.47 -22.07 36.74
N LEU F 36 -30.49 -23.38 36.72
CA LEU F 36 -31.07 -24.17 37.81
C LEU F 36 -30.69 -23.69 39.22
N GLY F 37 -29.41 -23.80 39.55
CA GLY F 37 -28.85 -23.43 40.86
C GLY F 37 -29.84 -22.93 41.94
N LYS F 38 -30.57 -21.86 41.65
CA LYS F 38 -31.47 -21.20 42.62
C LYS F 38 -32.60 -22.11 43.16
N GLY F 39 -33.22 -22.90 42.29
CA GLY F 39 -34.39 -23.72 42.66
C GLY F 39 -34.20 -24.73 43.82
N THR F 40 -32.97 -25.15 44.12
CA THR F 40 -32.75 -26.16 45.19
C THR F 40 -32.60 -25.51 46.58
N MET F 41 -32.40 -24.21 46.59
CA MET F 41 -32.18 -23.45 47.83
C MET F 41 -33.37 -23.41 48.82
N ARG F 42 -34.60 -23.32 48.32
CA ARG F 42 -35.79 -23.18 49.21
C ARG F 42 -36.06 -24.40 50.10
N ILE F 43 -35.75 -25.61 49.64
CA ILE F 43 -35.97 -26.79 50.47
C ILE F 43 -34.89 -26.82 51.53
N ASN F 44 -33.72 -26.38 51.12
CA ASN F 44 -32.56 -26.30 51.98
C ASN F 44 -32.76 -25.30 53.13
N ARG F 45 -33.39 -24.17 52.83
CA ARG F 45 -33.58 -23.14 53.86
C ARG F 45 -34.57 -23.51 54.96
N ASN F 46 -35.44 -24.50 54.73
CA ASN F 46 -36.44 -24.89 55.76
C ASN F 46 -35.89 -26.01 56.60
N ALA F 47 -36.32 -27.23 56.30
CA ALA F 47 -35.91 -28.44 57.02
C ALA F 47 -34.58 -28.30 57.77
N TYR F 48 -33.62 -27.59 57.20
CA TYR F 48 -32.31 -27.38 57.84
C TYR F 48 -32.23 -25.94 58.33
N GLY F 49 -31.58 -25.73 59.47
CA GLY F 49 -31.49 -24.38 60.04
C GLY F 49 -30.54 -24.31 61.23
N SER F 50 -30.27 -25.46 61.86
CA SER F 50 -29.38 -25.52 63.04
C SER F 50 -28.02 -26.11 62.68
N MET F 51 -27.08 -25.25 62.31
CA MET F 51 -25.73 -25.67 61.97
C MET F 51 -25.05 -26.31 63.18
N GLY F 52 -25.27 -25.73 64.36
CA GLY F 52 -24.67 -26.24 65.59
C GLY F 52 -24.70 -27.77 65.64
N GLY F 53 -23.53 -28.39 65.56
CA GLY F 53 -23.41 -29.84 65.62
C GLY F 53 -23.86 -30.34 67.00
N GLY F 54 -23.55 -29.56 68.03
CA GLY F 54 -23.92 -29.92 69.40
C GLY F 54 -22.91 -30.87 70.02
N SER F 55 -23.20 -31.29 71.25
CA SER F 55 -22.32 -32.20 71.95
C SER F 55 -22.40 -33.59 71.33
N LEU F 56 -21.36 -34.39 71.54
CA LEU F 56 -21.32 -35.75 71.00
C LEU F 56 -22.04 -36.72 71.93
N ARG F 57 -22.93 -37.52 71.36
CA ARG F 57 -23.69 -38.50 72.14
C ARG F 57 -22.77 -39.55 72.75
N GLY F 58 -23.00 -39.86 74.02
CA GLY F 58 -22.19 -40.86 74.72
C GLY F 58 -20.86 -40.27 75.18
N SER F 59 -20.80 -38.94 75.23
CA SER F 59 -19.58 -38.27 75.66
C SER F 59 -19.83 -36.78 75.90
N MET G 1 -15.93 27.30 5.25
CA MET G 1 -14.90 27.54 4.20
C MET G 1 -14.90 26.34 3.22
N SER G 2 -15.83 25.41 3.40
CA SER G 2 -15.87 24.25 2.51
C SER G 2 -16.00 24.73 1.06
N GLY G 3 -15.19 24.13 0.17
CA GLY G 3 -15.19 24.49 -1.24
C GLY G 3 -14.46 25.82 -1.46
N GLY G 4 -14.15 26.11 -2.71
CA GLY G 4 -13.48 27.36 -3.06
C GLY G 4 -11.98 27.33 -2.80
N GLY G 5 -11.45 26.13 -2.60
CA GLY G 5 -9.99 25.98 -2.37
C GLY G 5 -9.28 25.80 -3.71
N VAL G 6 -9.11 26.91 -4.45
CA VAL G 6 -8.45 26.90 -5.78
C VAL G 6 -7.16 27.73 -5.79
N PHE G 7 -6.73 28.22 -4.63
CA PHE G 7 -5.48 29.02 -4.56
C PHE G 7 -4.30 28.06 -4.40
N THR G 8 -4.31 27.35 -3.27
CA THR G 8 -3.26 26.41 -2.91
C THR G 8 -2.73 25.63 -4.09
N ASP G 9 -3.63 25.24 -5.01
CA ASP G 9 -3.18 24.56 -6.20
C ASP G 9 -2.40 25.61 -6.95
N ILE G 10 -2.81 26.06 -8.13
CA ILE G 10 -2.06 27.10 -8.89
C ILE G 10 -0.52 27.00 -8.70
N LEU G 11 0.02 27.34 -7.53
CA LEU G 11 1.44 27.18 -7.25
C LEU G 11 1.91 25.79 -7.64
N ALA G 12 1.11 24.80 -7.31
CA ALA G 12 1.45 23.45 -7.70
C ALA G 12 1.50 23.41 -9.23
N ALA G 13 0.56 24.16 -9.84
CA ALA G 13 0.48 24.23 -11.30
C ALA G 13 1.59 25.09 -11.92
N ALA G 14 1.81 26.31 -11.44
CA ALA G 14 2.85 27.14 -12.03
C ALA G 14 4.15 26.38 -11.99
N GLY G 15 4.37 25.67 -10.90
CA GLY G 15 5.57 24.87 -10.79
C GLY G 15 5.54 23.68 -11.77
N ARG G 16 4.39 23.01 -11.85
CA ARG G 16 4.29 21.85 -12.74
C ARG G 16 4.20 22.21 -14.22
N ILE G 17 3.31 23.15 -14.53
CA ILE G 17 3.09 23.62 -15.90
C ILE G 17 4.38 24.11 -16.53
N PHE G 18 5.11 24.90 -15.78
CA PHE G 18 6.34 25.49 -16.29
C PHE G 18 7.29 24.40 -16.80
N GLU G 19 7.12 23.17 -16.29
CA GLU G 19 7.99 22.06 -16.72
C GLU G 19 7.80 21.78 -18.21
N VAL G 20 6.56 21.92 -18.67
CA VAL G 20 6.27 21.66 -20.06
C VAL G 20 6.94 22.68 -21.00
N MET G 21 6.79 23.96 -20.66
CA MET G 21 7.33 25.02 -21.51
C MET G 21 8.86 25.01 -21.56
N VAL G 22 9.47 24.84 -20.41
CA VAL G 22 10.92 24.85 -20.28
C VAL G 22 11.58 23.60 -20.91
N GLU G 23 10.86 22.48 -20.92
CA GLU G 23 11.41 21.22 -21.44
C GLU G 23 11.59 21.26 -22.96
N GLY G 24 10.64 21.89 -23.67
CA GLY G 24 10.70 21.98 -25.14
C GLY G 24 11.31 23.31 -25.58
N HIS G 25 11.74 24.08 -24.61
CA HIS G 25 12.37 25.38 -24.82
C HIS G 25 13.80 25.20 -25.32
N TRP G 26 14.40 24.09 -24.92
CA TRP G 26 15.76 23.77 -25.33
C TRP G 26 15.66 23.20 -26.73
N GLU G 27 16.11 21.96 -26.99
CA GLU G 27 16.02 21.29 -28.33
C GLU G 27 16.42 22.15 -29.57
N THR G 28 15.85 23.34 -29.74
CA THR G 28 16.10 24.22 -30.87
C THR G 28 17.59 24.60 -31.03
N VAL G 29 18.27 24.90 -29.93
CA VAL G 29 19.67 25.35 -29.99
C VAL G 29 20.62 24.29 -30.61
N GLY G 30 20.47 23.04 -30.21
CA GLY G 30 21.35 21.95 -30.67
C GLY G 30 21.98 22.15 -32.06
N MET G 31 21.18 22.10 -33.11
CA MET G 31 21.71 22.19 -34.48
C MET G 31 22.16 23.61 -34.92
N LEU G 32 21.90 24.65 -34.14
CA LEU G 32 22.27 26.00 -34.61
C LEU G 32 23.77 26.17 -34.87
N PHE G 33 24.62 25.79 -33.91
CA PHE G 33 26.07 25.92 -34.11
C PHE G 33 26.67 24.76 -34.94
N ASP G 34 26.21 23.55 -34.65
CA ASP G 34 26.74 22.32 -35.27
C ASP G 34 26.56 22.16 -36.80
N SER G 35 25.43 22.58 -37.35
CA SER G 35 25.17 22.36 -38.78
C SER G 35 26.22 23.02 -39.70
N LEU G 36 26.61 24.23 -39.39
CA LEU G 36 27.57 24.95 -40.21
C LEU G 36 28.76 24.07 -40.64
N GLY G 37 29.63 23.79 -39.68
CA GLY G 37 30.86 23.00 -39.84
C GLY G 37 31.30 22.66 -41.29
N LYS G 38 30.46 21.94 -42.02
CA LYS G 38 30.79 21.45 -43.37
C LYS G 38 31.10 22.56 -44.40
N GLY G 39 30.33 23.63 -44.38
CA GLY G 39 30.45 24.72 -45.38
C GLY G 39 31.82 25.43 -45.47
N THR G 40 32.72 25.24 -44.50
CA THR G 40 34.03 25.94 -44.54
C THR G 40 35.13 25.06 -45.14
N MET G 41 34.84 23.78 -45.26
CA MET G 41 35.80 22.79 -45.77
C MET G 41 36.20 22.96 -47.26
N ARG G 42 35.27 23.34 -48.12
CA ARG G 42 35.55 23.42 -49.56
C ARG G 42 36.60 24.48 -49.97
N ILE G 43 36.70 25.58 -49.25
CA ILE G 43 37.70 26.62 -49.60
C ILE G 43 39.04 26.14 -49.11
N ASN G 44 39.01 25.49 -47.95
CA ASN G 44 40.20 24.93 -47.35
C ASN G 44 40.80 23.83 -48.26
N ARG G 45 39.93 23.00 -48.86
CA ARG G 45 40.41 21.90 -49.68
C ARG G 45 41.21 22.43 -50.88
N ASN G 46 40.76 23.54 -51.46
CA ASN G 46 41.47 24.17 -52.57
C ASN G 46 42.46 25.09 -51.89
N ALA G 47 43.12 25.97 -52.60
CA ALA G 47 44.10 26.94 -52.04
C ALA G 47 45.24 26.30 -51.18
N TYR G 48 44.93 25.29 -50.36
CA TYR G 48 45.89 24.58 -49.51
C TYR G 48 45.89 23.13 -49.93
N GLY G 49 47.05 22.52 -49.95
CA GLY G 49 47.13 21.13 -50.36
C GLY G 49 48.51 20.57 -50.10
N SER G 50 49.49 21.47 -49.88
CA SER G 50 50.89 21.06 -49.63
C SER G 50 51.27 21.27 -48.17
N MET G 51 51.06 20.22 -47.38
CA MET G 51 51.41 20.25 -45.96
C MET G 51 52.91 20.42 -45.77
N GLY G 52 53.69 19.77 -46.62
CA GLY G 52 55.16 19.83 -46.53
C GLY G 52 55.66 21.25 -46.25
N GLY G 53 56.23 21.44 -45.07
CA GLY G 53 56.80 22.75 -44.68
C GLY G 53 57.97 23.09 -45.60
N GLY G 54 58.68 22.05 -45.99
CA GLY G 54 59.82 22.22 -46.86
C GLY G 54 61.02 22.71 -46.05
N SER G 55 62.10 23.05 -46.73
CA SER G 55 63.30 23.51 -46.06
C SER G 55 63.14 24.95 -45.57
N LEU G 56 63.99 25.36 -44.63
CA LEU G 56 63.97 26.71 -44.07
C LEU G 56 64.84 27.64 -44.88
N ARG G 57 64.26 28.77 -45.25
CA ARG G 57 64.97 29.77 -46.04
C ARG G 57 66.15 30.33 -45.29
N GLY G 58 67.27 30.45 -45.97
CA GLY G 58 68.47 30.97 -45.36
C GLY G 58 69.17 29.92 -44.51
N SER G 59 68.82 28.65 -44.75
CA SER G 59 69.42 27.55 -43.99
C SER G 59 69.08 26.20 -44.62
N MET H 1 40.41 7.84 -86.26
CA MET H 1 39.68 7.57 -84.99
C MET H 1 39.30 8.92 -84.35
N SER H 2 39.14 9.96 -85.16
CA SER H 2 38.78 11.25 -84.59
C SER H 2 37.34 11.17 -84.07
N GLY H 3 37.12 11.68 -82.86
CA GLY H 3 35.79 11.65 -82.28
C GLY H 3 35.44 10.23 -81.82
N GLY H 4 34.33 10.13 -81.10
CA GLY H 4 33.86 8.82 -80.62
C GLY H 4 34.62 8.37 -79.39
N GLY H 5 35.38 9.28 -78.77
CA GLY H 5 36.14 8.95 -77.56
C GLY H 5 35.30 9.23 -76.31
N VAL H 6 34.34 8.32 -76.03
CA VAL H 6 33.44 8.44 -74.86
C VAL H 6 33.56 7.24 -73.91
N PHE H 7 34.66 6.47 -74.01
CA PHE H 7 34.86 5.30 -73.12
C PHE H 7 35.76 5.69 -71.94
N THR H 8 36.80 6.45 -72.25
CA THR H 8 37.79 6.86 -71.27
C THR H 8 37.14 7.66 -70.14
N ASP H 9 36.25 8.57 -70.50
CA ASP H 9 35.60 9.41 -69.50
C ASP H 9 34.72 8.61 -68.49
N ILE H 10 33.98 7.61 -68.93
CA ILE H 10 33.08 6.89 -68.01
C ILE H 10 33.80 6.50 -66.72
N LEU H 11 35.01 6.00 -66.81
CA LEU H 11 35.74 5.64 -65.59
C LEU H 11 35.92 6.88 -64.73
N ALA H 12 36.25 8.00 -65.38
CA ALA H 12 36.39 9.24 -64.65
C ALA H 12 35.07 9.59 -63.97
N ALA H 13 33.95 9.33 -64.68
CA ALA H 13 32.62 9.62 -64.15
C ALA H 13 32.21 8.67 -63.02
N ALA H 14 32.39 7.36 -63.23
CA ALA H 14 32.00 6.40 -62.21
C ALA H 14 32.78 6.71 -60.94
N GLY H 15 34.04 7.04 -61.11
CA GLY H 15 34.88 7.40 -59.98
C GLY H 15 34.37 8.70 -59.36
N ARG H 16 33.97 9.65 -60.22
CA ARG H 16 33.48 10.93 -59.74
C ARG H 16 32.07 10.78 -59.19
N ILE H 17 31.09 10.66 -60.07
CA ILE H 17 29.68 10.48 -59.68
C ILE H 17 29.51 9.74 -58.34
N PHE H 18 30.20 8.62 -58.16
CA PHE H 18 30.03 7.81 -56.95
C PHE H 18 30.23 8.64 -55.69
N GLU H 19 30.92 9.76 -55.83
CA GLU H 19 31.19 10.64 -54.72
C GLU H 19 29.89 11.27 -54.20
N VAL H 20 29.01 11.59 -55.12
CA VAL H 20 27.74 12.20 -54.76
C VAL H 20 26.86 11.24 -53.96
N MET H 21 26.71 10.02 -54.46
CA MET H 21 25.85 9.04 -53.80
C MET H 21 26.39 8.63 -52.43
N VAL H 22 27.69 8.39 -52.34
CA VAL H 22 28.32 7.96 -51.09
C VAL H 22 28.36 9.08 -50.04
N GLU H 23 28.47 10.31 -50.50
CA GLU H 23 28.57 11.45 -49.58
C GLU H 23 27.26 11.72 -48.82
N GLY H 24 26.11 11.50 -49.47
CA GLY H 24 24.80 11.75 -48.84
C GLY H 24 24.21 10.45 -48.30
N HIS H 25 24.98 9.39 -48.43
CA HIS H 25 24.57 8.06 -47.99
C HIS H 25 24.75 7.87 -46.47
N TRP H 26 25.60 8.69 -45.85
CA TRP H 26 25.91 8.53 -44.42
C TRP H 26 24.94 9.24 -43.48
N GLU H 27 24.96 10.57 -43.49
CA GLU H 27 24.12 11.46 -42.65
C GLU H 27 22.91 10.81 -41.91
N THR H 28 22.24 9.84 -42.52
CA THR H 28 21.08 9.18 -41.94
C THR H 28 21.34 8.49 -40.58
N VAL H 29 22.47 7.79 -40.47
CA VAL H 29 22.79 7.03 -39.26
C VAL H 29 22.92 7.88 -37.99
N GLY H 30 23.63 9.00 -38.08
CA GLY H 30 23.88 9.87 -36.94
C GLY H 30 22.84 9.80 -35.80
N MET H 31 21.62 10.24 -36.07
CA MET H 31 20.58 10.30 -35.03
C MET H 31 19.93 8.95 -34.68
N LEU H 32 20.25 7.89 -35.40
CA LEU H 32 19.59 6.60 -35.11
C LEU H 32 19.86 6.05 -33.71
N PHE H 33 21.07 6.08 -33.23
CA PHE H 33 21.34 5.55 -31.89
C PHE H 33 21.22 6.63 -30.80
N ASP H 34 21.66 7.83 -31.13
CA ASP H 34 21.70 8.96 -30.19
C ASP H 34 20.35 9.46 -29.67
N SER H 35 19.33 9.49 -30.52
CA SER H 35 18.04 10.04 -30.08
C SER H 35 17.43 9.32 -28.89
N LEU H 36 17.46 8.00 -28.92
CA LEU H 36 16.88 7.22 -27.83
C LEU H 36 17.16 7.82 -26.45
N GLY H 37 18.42 7.68 -26.03
CA GLY H 37 18.95 8.13 -24.72
C GLY H 37 17.95 8.62 -23.67
N LYS H 38 17.19 9.65 -23.99
CA LYS H 38 16.27 10.30 -23.05
C LYS H 38 15.14 9.40 -22.51
N GLY H 39 14.58 8.55 -23.38
CA GLY H 39 13.43 7.70 -23.02
C GLY H 39 13.62 6.73 -21.84
N THR H 40 14.86 6.36 -21.50
CA THR H 40 15.09 5.39 -20.42
C THR H 40 15.24 6.05 -19.03
N MET H 41 15.45 7.35 -19.01
CA MET H 41 15.71 8.09 -17.77
C MET H 41 14.53 8.13 -16.78
N ARG H 42 13.32 8.28 -17.26
CA ARG H 42 12.16 8.44 -16.38
C ARG H 42 11.89 7.25 -15.46
N ILE H 43 12.10 6.03 -15.91
CA ILE H 43 11.85 4.85 -15.07
C ILE H 43 12.92 4.78 -14.01
N ASN H 44 14.11 5.11 -14.42
CA ASN H 44 15.23 5.13 -13.52
C ASN H 44 14.99 6.13 -12.38
N ARG H 45 14.43 7.28 -12.73
CA ARG H 45 14.22 8.33 -11.74
C ARG H 45 13.32 7.88 -10.59
N ASN H 46 12.22 7.19 -10.89
CA ASN H 46 11.30 6.79 -9.83
C ASN H 46 11.86 5.64 -8.97
N ALA H 47 11.57 4.41 -9.37
CA ALA H 47 11.97 3.20 -8.63
C ALA H 47 13.34 3.30 -7.90
N TYR H 48 14.22 4.22 -8.31
CA TYR H 48 15.53 4.40 -7.65
C TYR H 48 15.65 5.85 -7.18
N GLY H 49 16.25 6.07 -6.02
CA GLY H 49 16.37 7.43 -5.49
C GLY H 49 17.27 7.48 -4.27
N SER H 50 17.47 6.33 -3.60
CA SER H 50 18.32 6.27 -2.40
C SER H 50 19.69 5.68 -2.72
N MET H 51 20.63 6.56 -3.03
CA MET H 51 21.99 6.16 -3.33
C MET H 51 22.64 5.54 -2.10
N GLY H 52 22.35 6.10 -0.94
CA GLY H 52 22.92 5.62 0.31
C GLY H 52 22.81 4.10 0.43
N GLY H 53 23.95 3.44 0.34
CA GLY H 53 23.98 1.99 0.46
C GLY H 53 23.54 1.56 1.86
N GLY H 54 23.87 2.39 2.84
CA GLY H 54 23.52 2.09 4.23
C GLY H 54 24.52 1.11 4.84
N SER H 55 24.22 0.61 6.04
CA SER H 55 25.11 -0.34 6.72
C SER H 55 25.03 -1.71 6.08
N LEU H 56 26.06 -2.52 6.33
CA LEU H 56 26.11 -3.88 5.79
C LEU H 56 25.40 -4.85 6.72
N ARG H 57 24.53 -5.68 6.16
CA ARG H 57 23.79 -6.63 6.99
C ARG H 57 24.73 -7.64 7.65
N GLY H 58 24.51 -7.90 8.94
CA GLY H 58 25.34 -8.86 9.67
C GLY H 58 26.68 -8.27 10.11
N SER H 59 26.77 -6.95 10.14
CA SER H 59 28.00 -6.30 10.54
C SER H 59 27.76 -4.81 10.75
N MET I 1 -45.77 -33.11 34.67
CA MET I 1 -45.05 -32.74 33.41
C MET I 1 -44.92 -34.04 32.57
N SER I 2 -46.04 -34.74 32.39
CA SER I 2 -46.02 -35.96 31.59
C SER I 2 -46.00 -35.58 30.12
N GLY I 3 -45.10 -36.18 29.36
CA GLY I 3 -44.99 -35.87 27.94
C GLY I 3 -44.37 -34.51 27.72
N GLY I 4 -44.16 -34.17 26.46
CA GLY I 4 -43.58 -32.88 26.12
C GLY I 4 -42.07 -32.89 26.35
N GLY I 5 -41.51 -34.06 26.61
CA GLY I 5 -40.07 -34.20 26.85
C GLY I 5 -39.35 -34.49 25.54
N VAL I 6 -39.26 -33.45 24.70
CA VAL I 6 -38.62 -33.54 23.39
C VAL I 6 -37.40 -32.61 23.30
N PHE I 7 -36.84 -32.21 24.45
CA PHE I 7 -35.66 -31.29 24.45
C PHE I 7 -34.35 -32.08 24.61
N THR I 8 -34.40 -33.03 25.52
CA THR I 8 -33.24 -33.84 25.86
C THR I 8 -32.72 -34.62 24.64
N ASP I 9 -33.62 -35.17 23.85
CA ASP I 9 -33.21 -35.94 22.68
C ASP I 9 -32.53 -35.08 21.59
N ILE I 10 -32.75 -33.75 21.55
CA ILE I 10 -32.13 -32.93 20.48
C ILE I 10 -30.62 -32.98 20.58
N LEU I 11 -30.11 -32.85 21.79
CA LEU I 11 -28.68 -32.95 21.98
C LEU I 11 -28.23 -34.33 21.52
N ALA I 12 -29.00 -35.34 21.89
CA ALA I 12 -28.66 -36.69 21.51
C ALA I 12 -28.63 -36.79 19.98
N ALA I 13 -29.58 -36.12 19.35
CA ALA I 13 -29.68 -36.13 17.90
C ALA I 13 -28.54 -35.32 17.23
N ALA I 14 -28.31 -34.10 17.71
CA ALA I 14 -27.24 -33.27 17.14
C ALA I 14 -25.92 -33.98 17.26
N GLY I 15 -25.70 -34.58 18.41
CA GLY I 15 -24.49 -35.34 18.63
C GLY I 15 -24.48 -36.56 17.73
N ARG I 16 -25.65 -37.16 17.52
CA ARG I 16 -25.73 -38.34 16.68
C ARG I 16 -25.71 -37.94 15.19
N ILE I 17 -26.79 -37.32 14.73
CA ILE I 17 -26.90 -36.90 13.33
C ILE I 17 -25.61 -36.35 12.78
N PHE I 18 -24.92 -35.53 13.54
CA PHE I 18 -23.71 -34.92 13.01
C PHE I 18 -22.79 -35.95 12.43
N GLU I 19 -23.00 -37.18 12.85
CA GLU I 19 -22.19 -38.29 12.39
C GLU I 19 -22.39 -38.57 10.90
N VAL I 20 -23.62 -38.42 10.45
CA VAL I 20 -23.91 -38.70 9.06
C VAL I 20 -23.23 -37.69 8.12
N MET I 21 -23.34 -36.40 8.45
CA MET I 21 -22.77 -35.33 7.60
C MET I 21 -21.23 -35.38 7.54
N VAL I 22 -20.61 -35.53 8.68
CA VAL I 22 -19.16 -35.56 8.80
C VAL I 22 -18.54 -36.83 8.19
N GLU I 23 -19.29 -37.94 8.20
CA GLU I 23 -18.76 -39.21 7.70
C GLU I 23 -18.70 -39.27 6.16
N GLY I 24 -19.45 -38.39 5.48
CA GLY I 24 -19.47 -38.35 3.98
C GLY I 24 -18.81 -37.11 3.50
N HIS I 25 -18.44 -36.31 4.46
CA HIS I 25 -17.79 -35.06 4.24
C HIS I 25 -16.37 -35.24 3.67
N TRP I 26 -15.68 -36.26 4.15
CA TRP I 26 -14.28 -36.48 3.81
C TRP I 26 -13.98 -37.03 2.41
N GLU I 27 -14.38 -38.26 2.16
CA GLU I 27 -14.16 -39.01 0.90
C GLU I 27 -13.79 -38.17 -0.37
N THR I 28 -14.26 -36.94 -0.48
CA THR I 28 -13.98 -36.09 -1.64
C THR I 28 -12.48 -35.79 -1.85
N VAL I 29 -11.77 -35.47 -0.77
CA VAL I 29 -10.35 -35.06 -0.83
C VAL I 29 -9.40 -36.13 -1.41
N GLY I 30 -9.55 -37.36 -0.98
CA GLY I 30 -8.65 -38.44 -1.38
C GLY I 30 -8.00 -38.29 -2.76
N MET I 31 -8.83 -38.31 -3.80
CA MET I 31 -8.32 -38.25 -5.18
C MET I 31 -7.89 -36.85 -5.66
N LEU I 32 -8.11 -35.82 -4.87
CA LEU I 32 -7.75 -34.47 -5.33
C LEU I 32 -6.25 -34.28 -5.65
N PHE I 33 -5.37 -34.70 -4.77
CA PHE I 33 -3.92 -34.51 -4.98
C PHE I 33 -3.28 -35.69 -5.75
N ASP I 34 -3.74 -36.90 -5.44
CA ASP I 34 -3.18 -38.13 -6.02
C ASP I 34 -3.32 -38.26 -7.56
N SER I 35 -4.49 -37.94 -8.11
CA SER I 35 -4.71 -38.12 -9.56
C SER I 35 -3.58 -37.52 -10.41
N LEU I 36 -3.35 -36.22 -10.26
CA LEU I 36 -2.30 -35.48 -10.99
C LEU I 36 -1.13 -36.36 -11.42
N GLY I 37 -0.28 -36.70 -10.45
CA GLY I 37 0.95 -37.50 -10.62
C GLY I 37 1.35 -37.87 -12.08
N LYS I 38 0.47 -38.54 -12.79
CA LYS I 38 0.75 -39.04 -14.13
C LYS I 38 1.07 -37.94 -15.17
N GLY I 39 0.40 -36.82 -15.08
CA GLY I 39 0.53 -35.74 -16.06
C GLY I 39 1.94 -35.10 -16.22
N THR I 40 2.78 -35.14 -15.18
CA THR I 40 4.11 -34.47 -15.25
C THR I 40 5.18 -35.40 -15.85
N MET I 41 4.89 -36.69 -15.95
CA MET I 41 5.86 -37.68 -16.44
C MET I 41 6.27 -37.54 -17.93
N ARG I 42 5.32 -37.22 -18.80
CA ARG I 42 5.59 -37.16 -20.26
C ARG I 42 6.65 -36.13 -20.67
N ILE I 43 6.73 -35.00 -20.00
CA ILE I 43 7.72 -33.98 -20.37
C ILE I 43 9.08 -34.35 -19.81
N ASN I 44 9.06 -34.93 -18.63
CA ASN I 44 10.28 -35.37 -18.00
C ASN I 44 10.97 -36.44 -18.87
N ARG I 45 10.18 -37.34 -19.43
CA ARG I 45 10.73 -38.41 -20.28
C ARG I 45 11.50 -37.87 -21.50
N ASN I 46 10.95 -36.93 -22.26
CA ASN I 46 11.63 -36.50 -23.50
C ASN I 46 12.88 -35.64 -23.32
N ALA I 47 12.76 -34.54 -22.59
CA ALA I 47 13.89 -33.62 -22.43
C ALA I 47 15.01 -34.17 -21.56
N TYR I 48 14.77 -35.30 -20.90
CA TYR I 48 15.78 -35.96 -20.05
C TYR I 48 15.87 -37.42 -20.46
N GLY I 49 17.08 -37.99 -20.41
CA GLY I 49 17.24 -39.37 -20.84
C GLY I 49 18.64 -39.93 -20.55
N SER I 50 19.66 -39.05 -20.53
CA SER I 50 21.04 -39.47 -20.27
C SER I 50 21.40 -39.26 -18.80
N MET I 51 21.22 -40.30 -18.03
CA MET I 51 21.54 -40.26 -16.60
C MET I 51 23.03 -40.06 -16.41
N GLY I 52 23.81 -40.65 -17.31
CA GLY I 52 25.26 -40.56 -17.24
C GLY I 52 25.74 -39.12 -17.12
N GLY I 53 26.22 -38.77 -15.93
CA GLY I 53 26.72 -37.42 -15.68
C GLY I 53 27.94 -37.16 -16.54
N GLY I 54 28.73 -38.20 -16.75
CA GLY I 54 29.93 -38.10 -17.56
C GLY I 54 31.11 -37.57 -16.75
N SER I 55 32.21 -37.24 -17.45
CA SER I 55 33.40 -36.74 -16.79
C SER I 55 33.18 -35.29 -16.33
N LEU I 56 34.01 -34.84 -15.39
CA LEU I 56 33.92 -33.48 -14.84
C LEU I 56 34.78 -32.52 -15.67
N ARG I 57 34.23 -31.37 -16.04
CA ARG I 57 34.98 -30.42 -16.85
C ARG I 57 36.21 -29.91 -16.09
N GLY I 58 37.35 -29.83 -16.78
CA GLY I 58 38.58 -29.33 -16.16
C GLY I 58 39.26 -30.38 -15.30
N SER I 59 38.91 -31.63 -15.50
CA SER I 59 39.51 -32.71 -14.72
C SER I 59 39.16 -34.06 -15.32
N MET J 1 -4.62 7.66 -18.27
CA MET J 1 -5.78 7.35 -17.41
C MET J 1 -6.13 8.64 -16.65
N SER J 2 -6.57 9.63 -17.40
CA SER J 2 -6.94 10.88 -16.77
C SER J 2 -8.31 10.73 -16.14
N GLY J 3 -8.43 11.16 -14.89
CA GLY J 3 -9.69 11.05 -14.17
C GLY J 3 -10.00 9.61 -13.82
N GLY J 4 -11.13 9.40 -13.15
CA GLY J 4 -11.53 8.07 -12.75
C GLY J 4 -10.75 7.64 -11.51
N GLY J 5 -9.99 8.59 -10.96
CA GLY J 5 -9.19 8.34 -9.76
C GLY J 5 -9.99 8.67 -8.51
N VAL J 6 -11.03 7.87 -8.26
CA VAL J 6 -11.93 8.05 -7.10
C VAL J 6 -11.77 6.89 -6.11
N PHE J 7 -10.65 6.18 -6.18
CA PHE J 7 -10.42 5.03 -5.29
C PHE J 7 -9.62 5.42 -4.06
N THR J 8 -8.49 6.00 -4.34
CA THR J 8 -7.52 6.37 -3.35
C THR J 8 -8.16 7.14 -2.21
N ASP J 9 -9.05 8.07 -2.56
CA ASP J 9 -9.73 8.88 -1.56
C ASP J 9 -10.68 8.07 -0.65
N ILE J 10 -11.14 6.91 -1.09
CA ILE J 10 -12.03 6.13 -0.23
C ILE J 10 -11.32 5.73 1.03
N LEU J 11 -10.08 5.29 0.89
CA LEU J 11 -9.33 4.91 2.06
C LEU J 11 -9.21 6.13 2.97
N ALA J 12 -8.93 7.27 2.36
CA ALA J 12 -8.80 8.50 3.12
C ALA J 12 -10.12 8.78 3.81
N ALA J 13 -11.19 8.53 3.06
CA ALA J 13 -12.53 8.75 3.57
C ALA J 13 -12.91 7.78 4.69
N ALA J 14 -12.70 6.49 4.50
CA ALA J 14 -13.05 5.54 5.53
C ALA J 14 -12.25 5.85 6.78
N GLY J 15 -10.99 6.16 6.57
CA GLY J 15 -10.13 6.53 7.68
C GLY J 15 -10.58 7.85 8.31
N ARG J 16 -10.95 8.82 7.49
CA ARG J 16 -11.36 10.12 8.04
C ARG J 16 -12.76 10.07 8.63
N ILE J 17 -13.71 9.54 7.88
CA ILE J 17 -15.10 9.50 8.30
C ILE J 17 -15.26 8.71 9.57
N PHE J 18 -14.59 7.59 9.67
CA PHE J 18 -14.74 6.78 10.86
C PHE J 18 -14.58 7.63 12.12
N GLU J 19 -13.96 8.80 11.95
CA GLU J 19 -13.75 9.70 13.08
C GLU J 19 -15.06 10.26 13.58
N VAL J 20 -15.97 10.55 12.68
CA VAL J 20 -17.23 11.12 13.08
C VAL J 20 -18.05 10.15 13.93
N MET J 21 -18.12 8.89 13.49
CA MET J 21 -18.90 7.88 14.22
C MET J 21 -18.36 7.59 15.61
N VAL J 22 -17.10 7.27 15.65
CA VAL J 22 -16.41 6.94 16.90
C VAL J 22 -16.36 8.13 17.89
N GLU J 23 -16.33 9.37 17.38
CA GLU J 23 -16.22 10.53 18.29
C GLU J 23 -17.60 10.93 18.86
N GLY J 24 -18.63 10.14 18.55
CA GLY J 24 -20.00 10.41 19.05
C GLY J 24 -20.52 9.15 19.67
N HIS J 25 -19.76 8.11 19.41
CA HIS J 25 -20.04 6.79 19.91
C HIS J 25 -19.95 6.75 21.42
N TRP J 26 -18.88 7.33 21.94
CA TRP J 26 -18.66 7.37 23.36
C TRP J 26 -19.77 8.20 23.99
N GLU J 27 -19.45 9.19 24.81
CA GLU J 27 -20.44 10.10 25.45
C GLU J 27 -21.64 9.40 26.20
N THR J 28 -22.29 8.39 25.58
CA THR J 28 -23.45 7.69 26.18
C THR J 28 -23.11 7.03 27.51
N VAL J 29 -21.96 6.36 27.56
CA VAL J 29 -21.54 5.64 28.76
C VAL J 29 -21.50 6.53 30.01
N GLY J 30 -20.56 7.48 30.02
CA GLY J 30 -20.35 8.44 31.13
C GLY J 30 -21.36 8.39 32.28
N MET J 31 -22.58 8.89 32.04
CA MET J 31 -23.62 8.96 33.09
C MET J 31 -24.18 7.59 33.54
N LEU J 32 -24.09 6.58 32.69
CA LEU J 32 -24.68 5.27 33.04
C LEU J 32 -24.40 4.83 34.48
N PHE J 33 -23.14 4.60 34.83
CA PHE J 33 -22.79 4.12 36.18
C PHE J 33 -22.92 5.18 37.30
N ASP J 34 -22.45 6.41 37.01
CA ASP J 34 -22.42 7.51 38.00
C ASP J 34 -23.76 7.90 38.63
N SER J 35 -24.80 8.07 37.82
CA SER J 35 -26.09 8.50 38.37
C SER J 35 -26.50 7.76 39.63
N LEU J 36 -26.77 6.46 39.48
CA LEU J 36 -27.18 5.56 40.57
C LEU J 36 -26.89 6.08 41.99
N GLY J 37 -25.60 6.16 42.30
CA GLY J 37 -25.07 6.57 43.61
C GLY J 37 -26.09 7.10 44.64
N LYS J 38 -26.95 8.03 44.24
CA LYS J 38 -27.89 8.68 45.17
C LYS J 38 -29.00 7.72 45.71
N GLY J 39 -29.33 6.68 44.95
CA GLY J 39 -30.43 5.77 45.32
C GLY J 39 -30.22 4.91 46.59
N THR J 40 -28.99 4.48 46.84
CA THR J 40 -28.69 3.57 47.97
C THR J 40 -28.56 4.28 49.34
N MET J 41 -28.44 5.60 49.34
CA MET J 41 -28.24 6.37 50.58
C MET J 41 -29.43 6.35 51.57
N ARG J 42 -30.63 6.44 51.04
CA ARG J 42 -31.84 6.53 51.89
C ARG J 42 -32.09 5.32 52.81
N ILE J 43 -31.70 4.11 52.40
CA ILE J 43 -31.94 2.91 53.23
C ILE J 43 -30.81 2.77 54.24
N ASN J 44 -29.62 3.11 53.81
CA ASN J 44 -28.47 3.04 54.68
C ASN J 44 -28.67 4.01 55.86
N ARG J 45 -29.20 5.20 55.59
CA ARG J 45 -29.38 6.18 56.65
C ARG J 45 -30.32 5.72 57.79
N ASN J 46 -31.55 5.34 57.49
CA ASN J 46 -32.50 4.98 58.56
C ASN J 46 -32.13 3.72 59.40
N ALA J 47 -31.78 2.61 58.75
CA ALA J 47 -31.50 1.36 59.51
C ALA J 47 -30.16 1.42 60.26
N TYR J 48 -29.31 2.39 59.91
CA TYR J 48 -27.99 2.58 60.56
C TYR J 48 -27.91 4.01 61.10
N GLY J 49 -27.16 4.22 62.15
CA GLY J 49 -27.10 5.56 62.72
C GLY J 49 -26.13 5.64 63.89
N SER J 50 -25.97 4.53 64.60
CA SER J 50 -25.06 4.48 65.76
C SER J 50 -23.70 3.96 65.35
N MET J 51 -22.78 4.87 65.16
CA MET J 51 -21.41 4.54 64.79
C MET J 51 -20.69 3.90 65.95
N GLY J 52 -21.05 4.34 67.16
CA GLY J 52 -20.44 3.84 68.38
C GLY J 52 -20.58 2.33 68.50
N GLY J 53 -19.47 1.63 68.28
CA GLY J 53 -19.47 0.17 68.40
C GLY J 53 -19.78 -0.22 69.85
N GLY J 54 -19.31 0.62 70.78
CA GLY J 54 -19.54 0.37 72.20
C GLY J 54 -18.51 -0.62 72.75
N SER J 55 -18.79 -1.14 73.95
CA SER J 55 -17.87 -2.08 74.59
C SER J 55 -17.95 -3.47 73.94
N LEU J 56 -16.93 -4.29 74.19
CA LEU J 56 -16.85 -5.65 73.64
C LEU J 56 -17.51 -6.64 74.61
N ARG J 57 -18.39 -7.50 74.08
CA ARG J 57 -19.06 -8.48 74.95
C ARG J 57 -18.05 -9.42 75.59
N GLY J 58 -18.23 -9.69 76.89
CA GLY J 58 -17.34 -10.60 77.62
C GLY J 58 -16.02 -9.94 78.01
N SER J 59 -16.00 -8.61 78.00
CA SER J 59 -14.79 -7.88 78.37
C SER J 59 -15.09 -6.40 78.55
N MET K 1 -66.27 -34.81 69.62
CA MET K 1 -66.04 -34.20 68.27
C MET K 1 -65.97 -35.36 67.24
N SER K 2 -66.77 -36.39 67.46
CA SER K 2 -66.79 -37.53 66.55
C SER K 2 -66.89 -37.08 65.09
N GLY K 3 -66.03 -37.67 64.26
CA GLY K 3 -66.00 -37.33 62.84
C GLY K 3 -65.33 -35.97 62.62
N GLY K 4 -65.05 -35.65 61.37
CA GLY K 4 -64.42 -34.38 61.03
C GLY K 4 -62.92 -34.41 61.23
N GLY K 5 -62.37 -35.60 61.50
CA GLY K 5 -60.93 -35.75 61.69
C GLY K 5 -60.25 -36.03 60.35
N VAL K 6 -60.27 -35.02 59.46
CA VAL K 6 -59.68 -35.12 58.11
C VAL K 6 -58.41 -34.30 57.99
N PHE K 7 -57.99 -33.69 59.09
CA PHE K 7 -56.72 -32.95 59.12
C PHE K 7 -55.71 -34.09 59.26
N THR K 8 -54.81 -34.10 60.26
CA THR K 8 -53.84 -35.19 60.53
C THR K 8 -53.39 -36.02 59.30
N ASP K 9 -54.31 -36.72 58.67
CA ASP K 9 -54.01 -37.52 57.50
C ASP K 9 -53.46 -36.69 56.35
N ILE K 10 -53.77 -35.39 56.30
CA ILE K 10 -53.26 -34.60 55.19
C ILE K 10 -51.74 -34.63 55.29
N LEU K 11 -51.23 -34.49 56.50
CA LEU K 11 -49.80 -34.52 56.70
C LEU K 11 -49.26 -35.86 56.24
N ALA K 12 -49.98 -36.90 56.57
CA ALA K 12 -49.57 -38.20 56.13
C ALA K 12 -49.62 -38.25 54.61
N ALA K 13 -50.63 -37.58 54.06
CA ALA K 13 -50.81 -37.54 52.61
C ALA K 13 -49.75 -36.70 51.90
N ALA K 14 -49.52 -35.48 52.35
CA ALA K 14 -48.52 -34.65 51.70
C ALA K 14 -47.18 -35.34 51.73
N GLY K 15 -46.85 -35.88 52.89
CA GLY K 15 -45.60 -36.59 53.03
C GLY K 15 -45.56 -37.84 52.15
N ARG K 16 -46.64 -38.63 52.18
CA ARG K 16 -46.70 -39.87 51.40
C ARG K 16 -46.79 -39.56 49.89
N ILE K 17 -47.63 -38.61 49.53
CA ILE K 17 -47.84 -38.25 48.13
C ILE K 17 -46.60 -37.71 47.48
N PHE K 18 -45.91 -36.85 48.19
CA PHE K 18 -44.73 -36.24 47.64
C PHE K 18 -43.80 -37.31 47.06
N GLU K 19 -43.99 -38.55 47.52
CA GLU K 19 -43.16 -39.66 47.03
C GLU K 19 -43.44 -39.92 45.55
N VAL K 20 -44.69 -39.82 45.13
CA VAL K 20 -45.02 -40.12 43.75
C VAL K 20 -44.36 -39.15 42.76
N MET K 21 -44.46 -37.84 43.02
CA MET K 21 -43.88 -36.83 42.15
C MET K 21 -42.36 -36.92 42.07
N VAL K 22 -41.73 -36.91 43.21
CA VAL K 22 -40.28 -36.93 43.34
C VAL K 22 -39.68 -38.21 42.76
N GLU K 23 -40.43 -39.32 42.80
CA GLU K 23 -39.89 -40.62 42.32
C GLU K 23 -40.05 -40.76 40.79
N GLY K 24 -40.61 -39.75 40.14
CA GLY K 24 -40.78 -39.78 38.66
C GLY K 24 -40.07 -38.57 38.07
N HIS K 25 -39.72 -37.69 38.98
CA HIS K 25 -39.04 -36.45 38.65
C HIS K 25 -37.61 -36.67 38.09
N TRP K 26 -36.86 -37.56 38.73
CA TRP K 26 -35.45 -37.79 38.36
C TRP K 26 -35.22 -38.36 36.95
N GLU K 27 -35.61 -39.60 36.74
CA GLU K 27 -35.45 -40.36 35.47
C GLU K 27 -35.13 -39.53 34.20
N THR K 28 -35.64 -38.33 34.07
CA THR K 28 -35.38 -37.50 32.87
C THR K 28 -33.88 -37.21 32.64
N VAL K 29 -33.16 -36.82 33.68
CA VAL K 29 -31.77 -36.44 33.54
C VAL K 29 -30.92 -37.51 32.85
N GLY K 30 -30.63 -38.57 33.59
CA GLY K 30 -29.81 -39.70 33.14
C GLY K 30 -29.21 -39.59 31.72
N MET K 31 -30.05 -39.78 30.71
CA MET K 31 -29.58 -39.78 29.32
C MET K 31 -29.00 -38.43 28.85
N LEU K 32 -29.58 -37.34 29.34
CA LEU K 32 -29.17 -36.00 28.91
C LEU K 32 -27.67 -35.88 28.58
N PHE K 33 -26.82 -36.00 29.58
CA PHE K 33 -25.37 -35.86 29.35
C PHE K 33 -24.75 -37.03 28.53
N ASP K 34 -25.13 -38.25 28.87
CA ASP K 34 -24.54 -39.46 28.30
C ASP K 34 -24.64 -39.65 26.76
N SER K 35 -25.80 -39.43 26.17
CA SER K 35 -25.93 -39.69 24.72
C SER K 35 -24.83 -39.01 23.87
N LEU K 36 -24.66 -37.72 24.05
CA LEU K 36 -23.68 -36.92 23.31
C LEU K 36 -22.40 -37.66 22.86
N GLY K 37 -21.71 -38.29 23.81
CA GLY K 37 -20.43 -38.96 23.56
C GLY K 37 -20.16 -39.48 22.13
N LYS K 38 -21.20 -39.82 21.36
CA LYS K 38 -20.96 -40.40 20.01
C LYS K 38 -20.77 -39.37 18.87
N GLY K 39 -20.99 -38.07 19.13
CA GLY K 39 -20.86 -37.05 18.05
C GLY K 39 -19.44 -36.49 17.83
N THR K 40 -18.66 -36.42 18.88
CA THR K 40 -17.32 -35.84 18.78
C THR K 40 -16.27 -36.78 18.17
N MET K 41 -16.59 -38.06 18.07
CA MET K 41 -15.65 -39.06 17.56
C MET K 41 -15.26 -38.91 16.07
N ARG K 42 -16.21 -38.55 15.22
CA ARG K 42 -15.94 -38.50 13.77
C ARG K 42 -15.02 -37.36 13.31
N ILE K 43 -14.75 -36.34 14.13
CA ILE K 43 -13.83 -35.25 13.72
C ILE K 43 -12.49 -35.54 14.32
N ASN K 44 -12.52 -36.14 15.48
CA ASN K 44 -11.31 -36.53 16.15
C ASN K 44 -10.59 -37.56 15.31
N ARG K 45 -11.34 -38.49 14.72
CA ARG K 45 -10.71 -39.50 13.93
C ARG K 45 -9.98 -38.86 12.72
N ASN K 46 -10.64 -38.67 11.60
CA ASN K 46 -10.01 -38.08 10.39
C ASN K 46 -8.83 -37.08 10.58
N ALA K 47 -9.04 -35.92 11.20
CA ALA K 47 -7.96 -34.90 11.29
C ALA K 47 -6.73 -35.44 12.03
N TYR K 48 -6.94 -36.39 12.92
CA TYR K 48 -5.83 -37.00 13.69
C TYR K 48 -5.70 -38.48 13.30
N GLY K 49 -4.53 -39.06 13.43
CA GLY K 49 -4.38 -40.46 13.05
C GLY K 49 -3.00 -40.95 13.36
N SER K 50 -2.03 -40.03 13.42
CA SER K 50 -0.64 -40.39 13.70
C SER K 50 -0.30 -40.17 15.18
N MET K 51 -0.36 -41.27 15.93
CA MET K 51 -0.04 -41.25 17.34
C MET K 51 1.46 -41.02 17.52
N GLY K 52 2.24 -41.57 16.59
CA GLY K 52 3.70 -41.48 16.65
C GLY K 52 4.17 -40.03 16.71
N GLY K 53 4.64 -39.64 17.89
CA GLY K 53 5.14 -38.29 18.08
C GLY K 53 6.35 -38.04 17.20
N GLY K 54 7.15 -39.09 17.02
CA GLY K 54 8.35 -38.98 16.20
C GLY K 54 9.50 -38.40 16.99
N SER K 55 10.58 -38.04 16.28
CA SER K 55 11.75 -37.48 16.93
C SER K 55 11.49 -36.03 17.37
N LEU K 56 12.31 -35.55 18.30
CA LEU K 56 12.21 -34.18 18.81
C LEU K 56 13.06 -33.25 17.95
N ARG K 57 12.49 -32.11 17.52
CA ARG K 57 13.25 -31.17 16.68
C ARG K 57 14.46 -30.62 17.43
N GLY K 58 15.58 -30.52 16.73
CA GLY K 58 16.79 -29.98 17.31
C GLY K 58 17.51 -31.01 18.17
N SER K 59 17.17 -32.27 17.98
CA SER K 59 17.79 -33.33 18.75
C SER K 59 17.47 -34.70 18.16
N MET L 1 45.73 38.22 -82.95
CA MET L 1 44.56 37.85 -82.11
C MET L 1 44.04 39.18 -81.44
N SER L 2 44.05 40.26 -82.20
CA SER L 2 43.55 41.51 -81.65
C SER L 2 42.11 41.34 -81.21
N GLY L 3 41.78 41.88 -80.03
CA GLY L 3 40.42 41.77 -79.50
C GLY L 3 40.16 40.36 -78.97
N GLY L 4 39.13 40.19 -78.15
CA GLY L 4 38.77 38.88 -77.61
C GLY L 4 39.57 38.50 -76.35
N GLY L 5 40.32 39.46 -75.79
CA GLY L 5 41.11 39.21 -74.58
C GLY L 5 40.26 39.51 -73.34
N VAL L 6 39.22 38.69 -73.12
CA VAL L 6 38.29 38.86 -71.99
C VAL L 6 38.45 37.77 -70.92
N PHE L 7 39.43 36.88 -71.08
CA PHE L 7 39.64 35.80 -70.09
C PHE L 7 40.45 36.33 -68.89
N THR L 8 41.72 36.55 -69.12
CA THR L 8 42.66 37.02 -68.10
C THR L 8 42.02 37.94 -67.04
N ASP L 9 41.04 38.76 -67.45
CA ASP L 9 40.42 39.70 -66.51
C ASP L 9 39.41 39.03 -65.56
N ILE L 10 38.89 37.87 -65.93
CA ILE L 10 37.92 37.20 -65.08
C ILE L 10 38.59 36.86 -63.77
N LEU L 11 39.82 36.37 -63.87
CA LEU L 11 40.57 36.01 -62.69
C LEU L 11 40.75 37.25 -61.83
N ALA L 12 41.05 38.38 -62.48
CA ALA L 12 41.18 39.62 -61.75
C ALA L 12 39.83 39.93 -61.12
N ALA L 13 38.77 39.62 -61.88
CA ALA L 13 37.43 39.84 -61.39
C ALA L 13 37.12 38.90 -60.24
N ALA L 14 36.86 37.62 -60.54
CA ALA L 14 36.56 36.62 -59.51
C ALA L 14 37.32 36.90 -58.18
N GLY L 15 38.62 37.16 -58.29
CA GLY L 15 39.42 37.46 -57.12
C GLY L 15 39.01 38.80 -56.50
N ARG L 16 38.83 39.81 -57.36
CA ARG L 16 38.44 41.14 -56.88
C ARG L 16 37.01 41.14 -56.34
N ILE L 17 36.11 40.49 -57.08
CA ILE L 17 34.69 40.45 -56.70
C ILE L 17 34.44 39.72 -55.39
N PHE L 18 35.03 38.58 -55.20
CA PHE L 18 34.80 37.82 -53.98
C PHE L 18 34.94 38.71 -52.74
N GLU L 19 35.62 39.86 -52.91
CA GLU L 19 35.81 40.80 -51.79
C GLU L 19 34.46 41.38 -51.35
N VAL L 20 33.59 41.67 -52.30
CA VAL L 20 32.30 42.28 -51.98
C VAL L 20 31.40 41.38 -51.14
N MET L 21 31.29 40.12 -51.53
CA MET L 21 30.45 39.17 -50.82
C MET L 21 31.02 38.91 -49.41
N VAL L 22 32.24 38.37 -49.38
CA VAL L 22 32.91 37.99 -48.13
C VAL L 22 32.99 39.16 -47.14
N GLU L 23 33.15 40.37 -47.65
CA GLU L 23 33.26 41.54 -46.77
C GLU L 23 31.95 41.88 -46.04
N GLY L 24 30.79 41.57 -46.65
CA GLY L 24 29.47 41.86 -46.02
C GLY L 24 28.90 40.62 -45.34
N HIS L 25 29.57 39.50 -45.58
CA HIS L 25 29.16 38.21 -45.04
C HIS L 25 29.30 38.11 -43.51
N TRP L 26 30.39 38.61 -42.97
CA TRP L 26 30.69 38.49 -41.53
C TRP L 26 29.77 39.28 -40.58
N GLU L 27 29.54 40.53 -40.89
CA GLU L 27 28.74 41.42 -40.03
C GLU L 27 27.54 40.78 -39.33
N THR L 28 27.00 39.70 -39.86
CA THR L 28 25.82 39.06 -39.25
C THR L 28 26.07 38.50 -37.84
N VAL L 29 27.18 37.82 -37.66
CA VAL L 29 27.48 37.16 -36.38
C VAL L 29 27.44 38.08 -35.17
N GLY L 30 28.45 38.95 -35.08
CA GLY L 30 28.64 39.89 -33.98
C GLY L 30 27.58 39.85 -32.85
N MET L 31 26.39 40.37 -33.15
CA MET L 31 25.33 40.47 -32.14
C MET L 31 24.82 39.12 -31.63
N LEU L 32 24.74 38.14 -32.52
CA LEU L 32 24.19 36.82 -32.17
C LEU L 32 24.44 36.39 -30.72
N PHE L 33 25.67 36.14 -30.37
CA PHE L 33 25.99 35.70 -29.02
C PHE L 33 25.81 36.78 -27.93
N ASP L 34 26.26 38.00 -28.24
CA ASP L 34 26.28 39.12 -27.28
C ASP L 34 24.93 39.63 -26.71
N SER L 35 23.87 39.67 -27.49
CA SER L 35 22.62 40.26 -26.99
C SER L 35 22.03 39.52 -25.78
N LEU L 36 22.19 38.22 -25.77
CA LEU L 36 21.64 37.34 -24.75
C LEU L 36 21.97 37.72 -23.28
N GLY L 37 23.19 38.11 -23.00
CA GLY L 37 23.62 38.41 -21.62
C GLY L 37 22.60 39.14 -20.73
N LYS L 38 21.51 39.69 -21.29
CA LYS L 38 20.54 40.47 -20.45
C LYS L 38 19.33 39.66 -19.98
N GLY L 39 19.16 38.42 -20.45
CA GLY L 39 17.99 37.63 -20.05
C GLY L 39 18.20 36.77 -18.79
N THR L 40 19.42 36.31 -18.56
CA THR L 40 19.71 35.43 -17.43
C THR L 40 19.75 36.14 -16.05
N MET L 41 19.87 37.45 -16.06
CA MET L 41 20.01 38.25 -14.83
C MET L 41 18.78 38.24 -13.87
N ARG L 42 17.57 38.23 -14.41
CA ARG L 42 16.33 38.33 -13.58
C ARG L 42 15.96 37.09 -12.77
N ILE L 43 16.62 35.95 -12.97
CA ILE L 43 16.30 34.72 -12.19
C ILE L 43 17.40 34.55 -11.19
N ASN L 44 18.56 34.99 -11.59
CA ASN L 44 19.71 34.95 -10.74
C ASN L 44 19.50 35.88 -9.54
N ARG L 45 18.92 37.06 -9.79
CA ARG L 45 18.75 38.04 -8.73
C ARG L 45 17.72 37.69 -7.65
N ASN L 46 16.52 37.25 -8.00
CA ASN L 46 15.54 36.98 -6.93
C ASN L 46 15.85 35.74 -6.08
N ALA L 47 16.13 34.61 -6.71
CA ALA L 47 16.37 33.38 -5.96
C ALA L 47 17.60 33.50 -5.07
N TYR L 48 18.61 34.22 -5.55
CA TYR L 48 19.87 34.41 -4.80
C TYR L 48 19.94 35.86 -4.33
N GLY L 49 20.52 36.10 -3.16
CA GLY L 49 20.59 37.47 -2.66
C GLY L 49 21.50 37.57 -1.45
N SER L 50 21.75 36.41 -0.81
CA SER L 50 22.62 36.36 0.38
C SER L 50 23.99 35.82 0.02
N MET L 51 24.90 36.74 -0.26
CA MET L 51 26.26 36.37 -0.58
C MET L 51 26.93 35.75 0.63
N GLY L 52 26.59 36.28 1.80
CA GLY L 52 27.16 35.82 3.06
C GLY L 52 27.03 34.30 3.22
N GLY L 53 28.17 33.62 3.12
CA GLY L 53 28.20 32.17 3.27
C GLY L 53 27.79 31.76 4.68
N GLY L 54 28.16 32.57 5.66
CA GLY L 54 27.82 32.28 7.06
C GLY L 54 28.83 31.30 7.66
N SER L 55 28.53 30.80 8.85
CA SER L 55 29.42 29.85 9.52
C SER L 55 29.33 28.47 8.88
N LEU L 56 30.35 27.65 9.13
CA LEU L 56 30.41 26.30 8.60
C LEU L 56 29.74 25.33 9.56
N ARG L 57 28.84 24.49 9.06
CA ARG L 57 28.15 23.55 9.93
C ARG L 57 29.15 22.60 10.57
N GLY L 58 28.96 22.33 11.86
CA GLY L 58 29.84 21.40 12.58
C GLY L 58 31.13 22.08 13.01
N SER L 59 31.14 23.40 13.01
CA SER L 59 32.33 24.13 13.42
C SER L 59 32.02 25.61 13.62
N MET M 1 -19.87 -2.28 2.96
CA MET M 1 -19.58 -1.86 1.56
C MET M 1 -19.43 -3.17 0.74
N SER M 2 -20.56 -3.79 0.47
CA SER M 2 -20.58 -5.03 -0.32
C SER M 2 -20.52 -4.63 -1.81
N GLY M 3 -19.64 -5.27 -2.59
CA GLY M 3 -19.52 -4.95 -4.02
C GLY M 3 -18.85 -3.59 -4.23
N GLY M 4 -18.54 -3.27 -5.48
CA GLY M 4 -17.89 -1.99 -5.81
C GLY M 4 -16.39 -2.01 -5.55
N GLY M 5 -15.85 -3.20 -5.25
CA GLY M 5 -14.42 -3.36 -4.99
C GLY M 5 -13.69 -3.66 -6.29
N VAL M 6 -13.68 -2.68 -7.20
CA VAL M 6 -13.06 -2.80 -8.52
C VAL M 6 -11.76 -2.03 -8.64
N PHE M 7 -11.31 -1.36 -7.56
CA PHE M 7 -10.07 -0.56 -7.66
C PHE M 7 -8.82 -1.41 -7.47
N THR M 8 -8.79 -2.02 -6.31
CA THR M 8 -7.66 -2.79 -5.89
C THR M 8 -7.16 -3.71 -6.97
N ASP M 9 -8.02 -4.05 -7.91
CA ASP M 9 -7.64 -4.95 -9.00
C ASP M 9 -6.99 -4.22 -10.17
N ILE M 10 -7.19 -2.92 -10.27
CA ILE M 10 -6.60 -2.20 -11.39
C ILE M 10 -5.09 -2.32 -11.26
N LEU M 11 -4.62 -2.15 -10.03
CA LEU M 11 -3.20 -2.24 -9.76
C LEU M 11 -2.72 -3.63 -10.14
N ALA M 12 -3.51 -4.64 -9.79
CA ALA M 12 -3.15 -6.02 -10.15
C ALA M 12 -3.12 -6.05 -11.65
N ALA M 13 -4.06 -5.31 -12.25
CA ALA M 13 -4.04 -5.11 -13.69
C ALA M 13 -2.89 -4.14 -13.87
N ALA M 14 -2.93 -3.16 -14.75
CA ALA M 14 -1.78 -2.20 -14.89
C ALA M 14 -0.40 -2.92 -14.86
N GLY M 15 0.03 -3.35 -13.66
CA GLY M 15 1.25 -4.10 -13.49
C GLY M 15 1.17 -5.46 -14.23
N ARG M 16 0.07 -6.24 -14.06
CA ARG M 16 -0.06 -7.53 -14.77
C ARG M 16 -0.12 -7.20 -16.23
N ILE M 17 -0.89 -6.16 -16.56
CA ILE M 17 -0.94 -5.71 -17.94
C ILE M 17 0.46 -5.09 -18.08
N PHE M 18 0.68 -4.32 -19.02
CA PHE M 18 2.00 -3.77 -19.25
C PHE M 18 2.97 -4.89 -19.59
N GLU M 19 2.82 -6.13 -19.01
CA GLU M 19 3.69 -7.25 -19.34
C GLU M 19 3.52 -7.58 -20.80
N VAL M 20 2.30 -7.45 -21.26
CA VAL M 20 2.00 -7.76 -22.65
C VAL M 20 2.66 -6.76 -23.61
N MET M 21 2.54 -5.47 -23.32
CA MET M 21 3.11 -4.43 -24.19
C MET M 21 4.64 -4.43 -24.22
N VAL M 22 5.23 -4.49 -23.03
CA VAL M 22 6.68 -4.47 -22.87
C VAL M 22 7.34 -5.72 -23.43
N GLU M 23 6.68 -6.84 -23.28
CA GLU M 23 7.23 -8.09 -23.72
C GLU M 23 7.32 -8.19 -25.26
N GLY M 24 6.35 -7.65 -25.98
CA GLY M 24 6.34 -7.73 -27.45
C GLY M 24 7.03 -6.49 -28.05
N HIS M 25 7.35 -5.55 -27.18
CA HIS M 25 7.98 -4.30 -27.56
C HIS M 25 9.45 -4.47 -28.05
N TRP M 26 10.25 -5.24 -27.33
CA TRP M 26 11.70 -5.42 -27.65
C TRP M 26 12.05 -6.17 -28.96
N GLU M 27 11.35 -7.25 -29.26
CA GLU M 27 11.65 -8.07 -30.45
C GLU M 27 12.02 -7.29 -31.73
N THR M 28 11.64 -6.03 -31.80
CA THR M 28 11.92 -5.20 -33.01
C THR M 28 13.42 -4.96 -33.28
N VAL M 29 14.18 -4.66 -32.23
CA VAL M 29 15.60 -4.28 -32.33
C VAL M 29 16.55 -5.35 -32.92
N GLY M 30 16.44 -6.59 -32.47
CA GLY M 30 17.36 -7.66 -32.87
C GLY M 30 17.99 -7.52 -34.28
N MET M 31 17.15 -7.62 -35.30
CA MET M 31 17.60 -7.61 -36.70
C MET M 31 18.24 -6.28 -37.15
N LEU M 32 17.69 -5.16 -36.70
CA LEU M 32 18.16 -3.85 -37.14
C LEU M 32 19.67 -3.77 -37.41
N PHE M 33 20.48 -3.89 -36.39
CA PHE M 33 21.92 -3.78 -36.55
C PHE M 33 22.58 -4.95 -37.34
N ASP M 34 22.16 -6.17 -37.02
CA ASP M 34 22.78 -7.40 -37.58
C ASP M 34 22.69 -7.63 -39.13
N SER M 35 21.56 -7.32 -39.76
CA SER M 35 21.39 -7.60 -41.21
C SER M 35 22.41 -6.89 -42.12
N LEU M 36 22.92 -5.79 -41.64
CA LEU M 36 23.85 -4.96 -42.39
C LEU M 36 25.19 -5.60 -42.78
N GLY M 37 25.78 -6.34 -41.87
CA GLY M 37 27.11 -6.90 -42.08
C GLY M 37 27.36 -7.55 -43.45
N LYS M 38 26.35 -7.68 -44.33
CA LYS M 38 26.56 -8.38 -45.62
C LYS M 38 26.76 -7.42 -46.80
N GLY M 39 26.54 -6.10 -46.61
CA GLY M 39 26.66 -5.14 -47.74
C GLY M 39 28.05 -4.52 -47.87
N THR M 40 28.79 -4.48 -46.78
CA THR M 40 30.12 -3.85 -46.80
C THR M 40 31.22 -4.71 -47.44
N MET M 41 30.97 -6.00 -47.54
CA MET M 41 31.96 -6.95 -48.06
C MET M 41 32.35 -6.78 -49.56
N ARG M 42 31.38 -6.45 -50.43
CA ARG M 42 31.65 -6.38 -51.89
C ARG M 42 32.60 -5.26 -52.36
N ILE M 43 32.78 -4.21 -51.57
CA ILE M 43 33.70 -3.12 -51.97
C ILE M 43 35.07 -3.44 -51.44
N ASN M 44 35.08 -4.05 -50.25
CA ASN M 44 36.32 -4.44 -49.61
C ASN M 44 37.08 -5.49 -50.43
N ARG M 45 36.35 -6.45 -50.99
CA ARG M 45 36.98 -7.52 -51.77
C ARG M 45 37.69 -7.10 -53.06
N ASN M 46 37.10 -6.24 -53.89
CA ASN M 46 37.75 -5.90 -55.17
C ASN M 46 38.96 -4.95 -55.07
N ALA M 47 38.79 -3.83 -54.39
CA ALA M 47 39.88 -2.86 -54.28
C ALA M 47 41.07 -3.44 -53.51
N TYR M 48 40.77 -4.27 -52.51
CA TYR M 48 41.83 -4.90 -51.68
C TYR M 48 41.87 -6.38 -51.99
N GLY M 49 43.05 -6.93 -52.18
CA GLY M 49 43.19 -8.35 -52.52
C GLY M 49 44.58 -8.86 -52.22
N SER M 50 45.53 -7.95 -51.97
CA SER M 50 46.92 -8.31 -51.68
C SER M 50 47.24 -8.09 -50.20
N MET M 51 47.11 -9.14 -49.42
CA MET M 51 47.42 -9.09 -48.01
C MET M 51 48.92 -8.85 -47.80
N GLY M 52 49.72 -9.47 -48.66
CA GLY M 52 51.16 -9.37 -48.59
C GLY M 52 51.64 -7.93 -48.51
N GLY M 53 52.15 -7.55 -47.34
CA GLY M 53 52.67 -6.21 -47.13
C GLY M 53 53.89 -5.94 -48.03
N GLY M 54 54.70 -6.98 -48.27
CA GLY M 54 55.90 -6.84 -49.11
C GLY M 54 57.03 -6.25 -48.26
N SER M 55 58.12 -5.88 -48.92
CA SER M 55 59.26 -5.31 -48.20
C SER M 55 59.00 -3.87 -47.80
N LEU M 56 59.80 -3.38 -46.86
CA LEU M 56 59.69 -2.00 -46.36
C LEU M 56 60.57 -1.09 -47.21
N ARG M 57 59.99 0.00 -47.71
CA ARG M 57 60.77 0.93 -48.54
C ARG M 57 61.92 1.52 -47.74
N GLY M 58 63.08 1.64 -48.37
CA GLY M 58 64.25 2.21 -47.70
C GLY M 58 64.94 1.19 -46.82
N SER M 59 64.62 -0.09 -47.03
CA SER M 59 65.23 -1.15 -46.24
C SER M 59 64.94 -2.52 -46.86
N MET N 1 23.12 37.59 -49.16
CA MET N 1 21.71 37.36 -48.75
C MET N 1 21.22 38.66 -48.07
N SER N 2 20.64 39.53 -48.89
CA SER N 2 20.15 40.82 -48.40
C SER N 2 18.77 40.64 -47.77
N GLY N 3 18.59 41.15 -46.55
CA GLY N 3 17.31 41.04 -45.85
C GLY N 3 17.06 39.60 -45.40
N GLY N 4 15.95 39.40 -44.69
CA GLY N 4 15.61 38.06 -44.22
C GLY N 4 16.43 37.69 -43.00
N GLY N 5 17.14 38.67 -42.44
CA GLY N 5 17.98 38.44 -41.25
C GLY N 5 17.14 38.69 -40.00
N VAL N 6 16.10 37.86 -39.82
CA VAL N 6 15.17 37.99 -38.67
C VAL N 6 15.38 36.90 -37.61
N PHE N 7 16.33 35.97 -37.80
CA PHE N 7 16.51 34.88 -36.80
C PHE N 7 17.37 35.36 -35.60
N THR N 8 18.46 36.00 -35.93
CA THR N 8 19.43 36.41 -34.93
C THR N 8 18.84 37.34 -33.87
N ASP N 9 17.82 38.10 -34.26
CA ASP N 9 17.18 39.02 -33.33
C ASP N 9 16.21 38.32 -32.37
N ILE N 10 15.76 37.11 -32.71
CA ILE N 10 14.81 36.42 -31.83
C ILE N 10 15.50 36.12 -30.49
N LEU N 11 16.75 35.68 -30.57
CA LEU N 11 17.51 35.37 -29.36
C LEU N 11 17.62 36.64 -28.54
N ALA N 12 17.90 37.74 -29.22
CA ALA N 12 17.99 39.01 -28.53
C ALA N 12 16.65 39.26 -27.87
N ALA N 13 15.58 38.84 -28.55
CA ALA N 13 14.23 39.00 -28.02
C ALA N 13 14.03 38.04 -26.86
N ALA N 14 13.77 36.76 -27.15
CA ALA N 14 13.56 35.73 -26.11
C ALA N 14 14.25 36.07 -24.78
N GLY N 15 15.52 36.43 -24.86
CA GLY N 15 16.28 36.82 -23.66
C GLY N 15 15.79 38.16 -23.11
N ARG N 16 15.64 39.15 -24.00
CA ARG N 16 15.18 40.48 -23.62
C ARG N 16 13.70 40.41 -23.20
N ILE N 17 12.89 39.68 -23.93
CA ILE N 17 11.47 39.63 -23.61
C ILE N 17 11.24 38.93 -22.27
N PHE N 18 11.79 37.75 -22.11
CA PHE N 18 11.54 36.99 -20.87
C PHE N 18 11.75 37.87 -19.65
N GLU N 19 12.51 38.95 -19.83
CA GLU N 19 12.80 39.88 -18.73
C GLU N 19 11.47 40.45 -18.17
N VAL N 20 10.52 40.69 -19.05
CA VAL N 20 9.22 41.25 -18.64
C VAL N 20 8.37 40.28 -17.81
N MET N 21 8.23 39.03 -18.28
CA MET N 21 7.39 38.04 -17.59
C MET N 21 7.91 37.68 -16.19
N VAL N 22 9.21 37.48 -16.12
CA VAL N 22 9.87 37.12 -14.88
C VAL N 22 9.88 38.26 -13.86
N GLU N 23 9.99 39.49 -14.35
CA GLU N 23 10.07 40.63 -13.45
C GLU N 23 8.76 40.86 -12.69
N GLY N 24 7.62 40.74 -13.37
CA GLY N 24 6.33 40.97 -12.70
C GLY N 24 5.82 39.70 -12.01
N HIS N 25 6.46 38.60 -12.32
CA HIS N 25 6.09 37.28 -11.77
C HIS N 25 6.25 37.19 -10.23
N TRP N 26 7.38 37.61 -9.70
CA TRP N 26 7.68 37.52 -8.25
C TRP N 26 6.80 38.35 -7.27
N GLU N 27 6.46 39.58 -7.62
CA GLU N 27 5.70 40.48 -6.72
C GLU N 27 4.52 39.82 -5.96
N THR N 28 3.98 38.74 -6.48
CA THR N 28 2.83 38.06 -5.85
C THR N 28 3.10 37.50 -4.44
N VAL N 29 4.26 36.89 -4.25
CA VAL N 29 4.60 36.19 -2.98
C VAL N 29 4.64 37.08 -1.71
N GLY N 30 5.31 38.22 -1.77
CA GLY N 30 5.48 39.10 -0.59
C GLY N 30 4.37 39.06 0.47
N MET N 31 3.16 39.47 0.08
CA MET N 31 2.01 39.57 1.01
C MET N 31 1.57 38.22 1.60
N LEU N 32 1.61 37.17 0.79
CA LEU N 32 1.10 35.86 1.19
C LEU N 32 1.44 35.44 2.64
N PHE N 33 2.69 35.26 2.96
CA PHE N 33 3.05 34.82 4.31
C PHE N 33 2.83 35.88 5.41
N ASP N 34 3.23 37.10 5.13
CA ASP N 34 3.24 38.20 6.11
C ASP N 34 1.87 38.64 6.72
N SER N 35 0.83 38.82 5.92
CA SER N 35 -0.47 39.34 6.44
C SER N 35 -1.06 38.51 7.60
N LEU N 36 -0.71 37.24 7.66
CA LEU N 36 -1.24 36.32 8.68
C LEU N 36 -0.92 36.67 10.14
N GLY N 37 0.29 37.09 10.40
CA GLY N 37 0.72 37.33 11.78
C GLY N 37 -0.31 38.06 12.70
N LYS N 38 -1.41 38.62 12.16
CA LYS N 38 -2.35 39.37 13.02
C LYS N 38 -3.56 38.56 13.53
N GLY N 39 -3.85 37.41 12.95
CA GLY N 39 -5.03 36.63 13.36
C GLY N 39 -4.76 35.69 14.54
N THR N 40 -3.50 35.33 14.74
CA THR N 40 -3.15 34.41 15.81
C THR N 40 -3.16 35.05 17.20
N MET N 41 -3.01 36.36 17.25
CA MET N 41 -2.93 37.10 18.51
C MET N 41 -4.15 37.05 19.45
N ARG N 42 -5.34 37.14 18.91
CA ARG N 42 -6.54 37.22 19.75
C ARG N 42 -6.80 36.01 20.65
N ILE N 43 -6.53 34.80 20.20
CA ILE N 43 -6.77 33.62 21.05
C ILE N 43 -5.69 33.55 22.11
N ASN N 44 -4.51 34.00 21.72
CA ASN N 44 -3.36 34.01 22.60
C ASN N 44 -3.58 34.95 23.80
N ARG N 45 -4.18 36.11 23.53
CA ARG N 45 -4.41 37.13 24.58
C ARG N 45 -5.37 36.70 25.72
N ASN N 46 -6.50 36.07 25.42
CA ASN N 46 -7.46 35.76 26.50
C ASN N 46 -7.09 34.60 27.41
N ALA N 47 -6.83 33.44 26.84
CA ALA N 47 -6.53 32.26 27.64
C ALA N 47 -5.24 32.43 28.43
N TYR N 48 -4.25 33.09 27.84
CA TYR N 48 -2.95 33.33 28.49
C TYR N 48 -2.85 34.81 28.88
N GLY N 49 -2.83 35.10 30.18
CA GLY N 49 -2.73 36.50 30.66
C GLY N 49 -1.79 36.63 31.85
N SER N 50 -1.34 35.48 32.40
CA SER N 50 -0.43 35.49 33.57
C SER N 50 0.96 35.00 33.19
N MET N 51 1.89 35.94 33.04
CA MET N 51 3.27 35.61 32.73
C MET N 51 3.96 35.03 33.95
N GLY N 52 3.61 35.56 35.12
CA GLY N 52 4.21 35.14 36.37
C GLY N 52 4.14 33.63 36.52
N GLY N 53 5.31 32.99 36.41
CA GLY N 53 5.39 31.54 36.53
C GLY N 53 4.98 31.08 37.91
N GLY N 54 5.28 31.88 38.92
CA GLY N 54 4.94 31.53 40.28
C GLY N 54 5.99 30.62 40.90
N SER N 55 5.72 30.14 42.11
CA SER N 55 6.65 29.26 42.79
C SER N 55 6.60 27.86 42.18
N LEU N 56 7.64 27.08 42.45
CA LEU N 56 7.75 25.72 41.94
C LEU N 56 7.08 24.75 42.91
N ARG N 57 6.18 23.91 42.40
CA ARG N 57 5.50 22.94 43.25
C ARG N 57 6.50 21.98 43.88
N GLY N 58 6.32 21.68 45.17
CA GLY N 58 7.21 20.76 45.87
C GLY N 58 8.49 21.46 46.33
N SER N 59 8.47 22.78 46.34
CA SER N 59 9.64 23.55 46.77
C SER N 59 9.28 25.02 46.98
#